data_2JIR
#
_entry.id   2JIR
#
_cell.length_a   106.243
_cell.length_b   106.243
_cell.length_c   134.626
_cell.angle_alpha   90.00
_cell.angle_beta   90.00
_cell.angle_gamma   120.00
#
_symmetry.space_group_name_H-M   'P 31 2 1'
#
loop_
_entity.id
_entity.type
_entity.pdbx_description
1 polymer 'PERIPLASMIC NITRATE REDUCTASE'
2 non-polymer 'IRON/SULFUR CLUSTER'
3 non-polymer 'MOLYBDENUM ATOM'
4 non-polymer '2-AMINO-5,6-DIMERCAPTO-7-METHYL-3,7,8A,9-TETRAHYDRO-8-OXA-1,3,9,10-TETRAAZA-ANTHRACEN-4-ONE GUANOSINE DINUCLEOTIDE'
5 non-polymer 'CYANIDE ION'
6 non-polymer 'NITRITE ION'
7 water water
#
_entity_poly.entity_id   1
_entity_poly.type   'polypeptide(L)'
_entity_poly.pdbx_seq_one_letter_code
;ADNRPEKWVKGVCRYCGTGCGVLVGVKDGKAVAIQGNPNNHNAGLLCLKGSLLIPVLNSKERVTQPLVRRHKGGKLEPVS
WDEALDLMASRFRSSIDMYGPNSVAWYGSGQCLTEESYVANKIFKGGFGTNNVDGNPRLCMASAVGGYVTSFGKDEPMGT
YADIDQATCFFIIGSNTSEAHPVLFRRIARRKQVEPGVKIIVADPRRTNTSRIADMHVAFRPGTDLAFMHSMAWVIINEE
LDNPRFWQRYVNFMDAEGKPSDFEGYKAFLENYRPEKVAEICRVPVEQIYGAARAFAESAATMSLWCMGINQRVQGVFAN
NLIHNLHLITGQICRPGATSFSLTGQPNACGGVRDGGALSHLLPAGRAIPNAKHRAEMEKLWGLPEGRIAPEPGYHTVAL
FEALGRGDVKCMIICETNPAHTLPNLNKVHKAMSHPESFIVCIEAFPDAVTLEYADLVLPPAFWCERDGVYGCGERRYSL
TEKAVDPPGQCRPTVNTLVEFARRAGVDPQLVNFRNAEDVWNEWRMVSKGTTYDFWGMTRERLRKESGLIWPCPSEDHPG
TSLRYVRGQDPCVPADHPDRFFFYGKPDGRAVIWMRPAKGAAEEPDAEYPLYLTSMRVIDHWHTATMTGKVPELQKANPI
AFVEINEEDAARTGIKHGDSVIVETRRDAMELPARVSDVCRPGLIAVPFFDPKKLVNKLFLDATDPVSREPEYKICAARV
RKA
;
_entity_poly.pdbx_strand_id   A
#
loop_
_chem_comp.id
_chem_comp.type
_chem_comp.name
_chem_comp.formula
CYN non-polymer 'CYANIDE ION' 'C N -1'
MGD non-polymer '2-AMINO-5,6-DIMERCAPTO-7-METHYL-3,7,8A,9-TETRAHYDRO-8-OXA-1,3,9,10-TETRAAZA-ANTHRACEN-4-ONE GUANOSINE DINUCLEOTIDE' 'C20 H26 N10 O13 P2 S2'
MO non-polymer 'MOLYBDENUM ATOM' Mo
NO2 non-polymer 'NITRITE ION' 'N O2 -1'
SF4 non-polymer 'IRON/SULFUR CLUSTER' 'Fe4 S4'
#
# COMPACT_ATOMS: atom_id res chain seq x y z
N ARG A 4 -18.56 6.51 31.11
CA ARG A 4 -19.27 6.07 29.88
C ARG A 4 -19.46 7.26 28.91
N PRO A 5 -19.48 6.99 27.58
CA PRO A 5 -19.59 8.07 26.56
C PRO A 5 -20.89 8.90 26.59
N GLU A 6 -20.73 10.23 26.51
CA GLU A 6 -21.87 11.13 26.31
C GLU A 6 -22.15 11.28 24.81
N LYS A 7 -21.14 11.13 23.97
CA LYS A 7 -21.36 11.07 22.51
C LYS A 7 -20.43 10.13 21.76
N TRP A 8 -20.90 9.63 20.62
CA TRP A 8 -20.10 8.78 19.72
C TRP A 8 -19.71 9.52 18.46
N VAL A 9 -18.42 9.52 18.13
CA VAL A 9 -17.91 10.24 16.97
C VAL A 9 -17.45 9.28 15.87
N LYS A 10 -18.11 9.35 14.71
CA LYS A 10 -17.86 8.42 13.60
C LYS A 10 -16.56 8.70 12.84
N GLY A 11 -15.74 7.65 12.72
CA GLY A 11 -14.54 7.69 11.91
C GLY A 11 -14.12 6.34 11.36
N VAL A 12 -12.80 6.17 11.27
CA VAL A 12 -12.18 5.09 10.54
C VAL A 12 -11.01 4.59 11.41
N CYS A 13 -10.88 3.27 11.52
CA CYS A 13 -9.71 2.69 12.15
C CYS A 13 -8.40 3.35 11.66
N ARG A 14 -7.52 3.69 12.59
CA ARG A 14 -6.20 4.26 12.27
C ARG A 14 -5.24 3.29 11.51
N TYR A 15 -5.52 1.98 11.54
CA TYR A 15 -4.56 1.00 11.03
C TYR A 15 -4.84 0.47 9.63
N CYS A 16 -5.23 -0.78 9.46
CA CYS A 16 -5.02 -1.42 8.14
C CYS A 16 -5.95 -0.96 7.00
N GLY A 17 -5.62 -1.40 5.77
CA GLY A 17 -6.38 -1.03 4.59
C GLY A 17 -7.77 -1.65 4.47
N THR A 18 -8.16 -2.49 5.44
CA THR A 18 -9.54 -2.94 5.56
C THR A 18 -10.45 -1.72 5.78
N GLY A 19 -9.97 -0.73 6.51
CA GLY A 19 -10.72 0.52 6.66
C GLY A 19 -12.02 0.36 7.40
N CYS A 20 -11.98 -0.40 8.48
CA CYS A 20 -13.10 -0.56 9.34
C CYS A 20 -13.50 0.78 9.91
N GLY A 21 -14.81 1.05 9.88
CA GLY A 21 -15.38 2.21 10.53
C GLY A 21 -15.47 2.00 12.03
N VAL A 22 -15.32 3.09 12.75
CA VAL A 22 -15.13 3.08 14.18
C VAL A 22 -16.04 4.19 14.72
N LEU A 23 -16.60 4.00 15.92
CA LEU A 23 -17.31 5.07 16.66
C LEU A 23 -16.51 5.30 17.93
N VAL A 24 -16.17 6.55 18.20
CA VAL A 24 -15.26 6.92 19.29
C VAL A 24 -16.09 7.54 20.42
N GLY A 25 -16.04 6.87 21.57
CA GLY A 25 -16.83 7.27 22.72
C GLY A 25 -16.09 8.32 23.51
N VAL A 26 -16.70 9.49 23.64
CA VAL A 26 -16.04 10.62 24.30
C VAL A 26 -16.87 11.08 25.48
N LYS A 27 -16.19 11.50 26.54
CA LYS A 27 -16.84 11.98 27.75
C LYS A 27 -15.99 13.10 28.30
N ASP A 28 -16.52 14.31 28.32
CA ASP A 28 -15.83 15.49 28.88
C ASP A 28 -14.55 15.86 28.09
N GLY A 29 -14.62 15.65 26.78
CA GLY A 29 -13.51 15.98 25.89
C GLY A 29 -12.44 14.91 25.84
N LYS A 30 -12.69 13.77 26.49
CA LYS A 30 -11.74 12.66 26.56
C LYS A 30 -12.40 11.40 26.00
N ALA A 31 -11.69 10.71 25.13
CA ALA A 31 -12.16 9.42 24.57
C ALA A 31 -12.12 8.35 25.65
N VAL A 32 -13.19 7.58 25.77
CA VAL A 32 -13.31 6.62 26.87
C VAL A 32 -13.58 5.21 26.37
N ALA A 33 -14.02 5.11 25.12
CA ALA A 33 -14.52 3.85 24.57
C ALA A 33 -14.47 3.86 23.04
N ILE A 34 -14.60 2.69 22.43
CA ILE A 34 -14.64 2.56 20.97
C ILE A 34 -15.44 1.34 20.58
N GLN A 35 -16.18 1.46 19.49
CA GLN A 35 -16.88 0.33 18.93
C GLN A 35 -16.83 0.46 17.42
N GLY A 36 -17.19 -0.61 16.73
CA GLY A 36 -17.17 -0.59 15.28
C GLY A 36 -18.39 0.16 14.78
N ASN A 37 -18.23 0.83 13.65
CA ASN A 37 -19.34 1.46 12.99
C ASN A 37 -20.28 0.35 12.51
N PRO A 38 -21.49 0.23 13.10
CA PRO A 38 -22.37 -0.80 12.57
C PRO A 38 -22.78 -0.57 11.10
N ASN A 39 -22.59 0.65 10.60
CA ASN A 39 -23.14 1.05 9.30
C ASN A 39 -22.11 1.03 8.18
N ASN A 40 -20.87 0.70 8.53
CA ASN A 40 -19.79 0.55 7.57
C ASN A 40 -19.64 -0.93 7.17
N HIS A 41 -18.81 -1.21 6.18
CA HIS A 41 -18.67 -2.55 5.62
C HIS A 41 -18.36 -3.62 6.67
N ASN A 42 -17.59 -3.25 7.70
CA ASN A 42 -17.18 -4.15 8.77
C ASN A 42 -18.30 -4.55 9.73
N ALA A 43 -19.44 -3.87 9.64
CA ALA A 43 -20.64 -4.27 10.40
C ALA A 43 -20.44 -4.23 11.93
N GLY A 44 -19.65 -3.26 12.41
CA GLY A 44 -19.45 -3.08 13.85
C GLY A 44 -18.42 -4.00 14.47
N LEU A 45 -17.77 -4.78 13.64
CA LEU A 45 -16.63 -5.62 14.05
C LEU A 45 -15.31 -4.89 13.86
N LEU A 46 -14.43 -5.05 14.85
CA LEU A 46 -13.04 -4.59 14.87
C LEU A 46 -12.17 -5.75 15.36
N CYS A 47 -10.88 -5.73 15.01
CA CYS A 47 -9.94 -6.70 15.55
C CYS A 47 -9.34 -6.13 16.82
N LEU A 48 -8.44 -6.86 17.46
CA LEU A 48 -7.87 -6.41 18.74
C LEU A 48 -7.18 -5.05 18.63
N LYS A 49 -6.38 -4.85 17.59
CA LYS A 49 -5.76 -3.55 17.29
C LYS A 49 -6.76 -2.37 17.24
N GLY A 50 -7.79 -2.51 16.41
CA GLY A 50 -8.83 -1.51 16.30
C GLY A 50 -9.47 -1.20 17.65
N SER A 51 -9.82 -2.26 18.40
CA SER A 51 -10.47 -2.17 19.71
C SER A 51 -9.67 -1.44 20.75
N LEU A 52 -8.36 -1.58 20.67
CA LEU A 52 -7.46 -0.98 21.64
C LEU A 52 -6.80 0.29 21.14
N LEU A 53 -7.52 1.04 20.30
CA LEU A 53 -7.00 2.33 19.80
C LEU A 53 -7.10 3.42 20.87
N ILE A 54 -8.03 3.29 21.82
CA ILE A 54 -8.23 4.37 22.80
C ILE A 54 -7.01 4.68 23.69
N PRO A 55 -6.39 3.65 24.32
CA PRO A 55 -5.08 3.91 24.94
C PRO A 55 -3.98 4.55 24.04
N VAL A 56 -4.03 4.34 22.72
CA VAL A 56 -3.08 4.99 21.81
C VAL A 56 -3.38 6.49 21.69
N LEU A 57 -4.66 6.80 21.49
CA LEU A 57 -5.15 8.17 21.45
C LEU A 57 -4.94 8.93 22.76
N ASN A 58 -4.90 8.20 23.88
CA ASN A 58 -4.78 8.83 25.18
C ASN A 58 -3.36 8.89 25.71
N SER A 59 -2.43 8.25 25.00
CA SER A 59 -1.01 8.24 25.39
C SER A 59 -0.45 9.66 25.56
N LYS A 60 0.38 9.84 26.58
CA LYS A 60 1.05 11.11 26.84
C LYS A 60 2.42 11.11 26.19
N GLU A 61 2.82 9.95 25.68
CA GLU A 61 4.10 9.81 25.00
C GLU A 61 4.00 10.38 23.59
N ARG A 62 3.96 11.72 23.52
CA ARG A 62 3.67 12.44 22.29
C ARG A 62 4.63 13.59 22.06
N VAL A 63 4.76 13.98 20.80
CA VAL A 63 5.49 15.18 20.41
C VAL A 63 4.44 16.29 20.42
N THR A 64 4.57 17.20 21.38
CA THR A 64 3.51 18.18 21.67
C THR A 64 3.97 19.64 21.52
N GLN A 65 5.27 19.81 21.23
CA GLN A 65 5.85 21.11 20.94
C GLN A 65 6.87 20.96 19.79
N PRO A 66 7.13 22.06 19.03
CA PRO A 66 8.13 21.95 17.97
C PRO A 66 9.54 21.86 18.55
N LEU A 67 10.40 21.11 17.86
CA LEU A 67 11.76 20.85 18.31
C LEU A 67 12.71 21.24 17.22
N VAL A 68 13.91 21.65 17.58
CA VAL A 68 14.92 21.97 16.58
C VAL A 68 16.23 21.34 16.98
N ARG A 69 16.95 20.80 15.99
CA ARG A 69 18.34 20.40 16.21
C ARG A 69 19.26 21.42 15.56
N ARG A 70 19.84 22.30 16.36
CA ARG A 70 20.59 23.46 15.86
C ARG A 70 21.72 23.07 14.93
N HIS A 71 22.43 22.00 15.31
CA HIS A 71 23.58 21.51 14.56
C HIS A 71 23.45 19.99 14.41
N LYS A 72 24.07 19.43 13.38
CA LYS A 72 24.03 17.97 13.16
C LYS A 72 24.65 17.21 14.33
N GLY A 73 24.01 16.14 14.77
CA GLY A 73 24.48 15.43 15.94
C GLY A 73 24.04 16.02 17.29
N GLY A 74 23.55 17.27 17.31
CA GLY A 74 23.10 17.91 18.55
C GLY A 74 21.84 17.35 19.20
N LYS A 75 21.52 17.87 20.39
CA LYS A 75 20.24 17.57 21.06
C LYS A 75 19.15 18.25 20.28
N LEU A 76 17.95 17.70 20.40
CA LEU A 76 16.74 18.27 19.85
C LEU A 76 16.19 19.11 21.01
N GLU A 77 15.88 20.38 20.75
CA GLU A 77 15.47 21.32 21.80
C GLU A 77 14.22 22.13 21.45
N PRO A 78 13.43 22.52 22.46
CA PRO A 78 12.20 23.26 22.18
C PRO A 78 12.45 24.56 21.40
N VAL A 79 11.53 24.84 20.48
CA VAL A 79 11.57 26.02 19.63
C VAL A 79 10.10 26.40 19.41
N SER A 80 9.81 27.70 19.28
CA SER A 80 8.41 28.13 19.07
C SER A 80 7.90 27.77 17.68
N TRP A 81 6.56 27.77 17.51
CA TRP A 81 5.98 27.43 16.21
C TRP A 81 6.39 28.42 15.13
N ASP A 82 6.29 29.71 15.43
CA ASP A 82 6.67 30.75 14.47
C ASP A 82 8.13 30.66 14.04
N GLU A 83 9.04 30.45 15.00
CA GLU A 83 10.46 30.24 14.65
C GLU A 83 10.62 29.00 13.76
N ALA A 84 10.00 27.89 14.19
CA ALA A 84 9.99 26.64 13.42
C ALA A 84 9.48 26.77 11.99
N LEU A 85 8.41 27.55 11.79
CA LEU A 85 7.82 27.73 10.46
C LEU A 85 8.68 28.64 9.58
N ASP A 86 9.31 29.63 10.18
CA ASP A 86 10.17 30.55 9.45
C ASP A 86 11.42 29.82 8.97
N LEU A 87 11.99 29.03 9.87
CA LEU A 87 13.15 28.21 9.54
C LEU A 87 12.79 27.25 8.38
N MET A 88 11.61 26.64 8.45
CA MET A 88 11.17 25.72 7.42
C MET A 88 10.99 26.45 6.09
N ALA A 89 10.19 27.51 6.11
CA ALA A 89 9.96 28.33 4.94
C ALA A 89 11.25 28.91 4.32
N SER A 90 12.13 29.47 5.16
CA SER A 90 13.35 30.13 4.68
C SER A 90 14.36 29.16 4.09
N ARG A 91 14.44 27.97 4.64
CA ARG A 91 15.39 26.96 4.17
C ARG A 91 14.98 26.40 2.83
N PHE A 92 13.69 26.09 2.71
CA PHE A 92 13.13 25.53 1.50
C PHE A 92 13.19 26.58 0.40
N ARG A 93 12.79 27.80 0.71
CA ARG A 93 12.84 28.91 -0.26
C ARG A 93 14.26 29.22 -0.75
N SER A 94 15.25 29.18 0.15
CA SER A 94 16.65 29.38 -0.22
C SER A 94 17.19 28.27 -1.09
N SER A 95 16.81 27.02 -0.79
CA SER A 95 17.25 25.88 -1.57
C SER A 95 16.76 26.09 -3.00
N ILE A 96 15.49 26.46 -3.14
CA ILE A 96 14.91 26.64 -4.47
C ILE A 96 15.64 27.76 -5.19
N ASP A 97 15.58 28.98 -4.63
CA ASP A 97 16.36 30.17 -5.06
C ASP A 97 17.77 29.92 -5.62
N MET A 98 18.49 29.04 -4.93
CA MET A 98 19.88 28.76 -5.23
C MET A 98 20.04 27.63 -6.25
N TYR A 99 19.29 26.54 -6.06
CA TYR A 99 19.54 25.26 -6.74
C TYR A 99 18.36 24.75 -7.58
N GLY A 100 17.25 25.48 -7.54
CA GLY A 100 16.09 25.08 -8.33
C GLY A 100 15.16 24.18 -7.54
N PRO A 101 13.88 24.13 -7.96
CA PRO A 101 12.85 23.31 -7.30
C PRO A 101 13.21 21.86 -6.98
N ASN A 102 14.03 21.21 -7.82
CA ASN A 102 14.34 19.80 -7.62
C ASN A 102 15.28 19.52 -6.45
N SER A 103 15.76 20.60 -5.81
CA SER A 103 16.59 20.48 -4.60
C SER A 103 15.77 20.12 -3.36
N VAL A 104 14.43 20.21 -3.47
CA VAL A 104 13.51 19.95 -2.34
C VAL A 104 12.55 18.76 -2.62
N ALA A 105 11.96 18.21 -1.55
CA ALA A 105 11.18 16.98 -1.66
C ALA A 105 10.18 16.81 -0.53
N TRP A 106 9.12 16.07 -0.83
CA TRP A 106 8.12 15.65 0.14
C TRP A 106 8.21 14.15 0.17
N TYR A 107 8.33 13.59 1.37
CA TYR A 107 8.21 12.13 1.53
C TYR A 107 7.11 11.83 2.53
N GLY A 108 5.93 11.49 2.01
CA GLY A 108 4.70 11.34 2.79
C GLY A 108 4.19 9.90 2.88
N SER A 109 2.85 9.76 2.91
CA SER A 109 2.21 8.61 3.50
C SER A 109 0.75 8.27 3.11
N GLY A 110 0.54 6.98 2.90
CA GLY A 110 -0.81 6.40 2.92
C GLY A 110 -1.49 6.44 4.29
N GLN A 111 -0.86 7.05 5.30
CA GLN A 111 -1.53 7.29 6.58
C GLN A 111 -1.96 8.76 6.77
N CYS A 112 -1.38 9.65 5.97
CA CYS A 112 -1.84 11.03 5.91
C CYS A 112 -3.26 11.00 5.40
N LEU A 113 -4.04 11.98 5.85
CA LEU A 113 -5.38 12.18 5.38
C LEU A 113 -5.31 12.59 3.93
N THR A 114 -6.39 12.36 3.19
CA THR A 114 -6.38 12.64 1.76
C THR A 114 -6.14 14.12 1.52
N GLU A 115 -6.63 14.93 2.44
CA GLU A 115 -6.51 16.38 2.41
C GLU A 115 -5.07 16.85 2.65
N GLU A 116 -4.35 16.20 3.55
CA GLU A 116 -2.96 16.56 3.84
C GLU A 116 -2.04 16.32 2.65
N SER A 117 -2.20 15.14 2.04
CA SER A 117 -1.45 14.71 0.86
C SER A 117 -1.81 15.55 -0.34
N TYR A 118 -3.07 16.01 -0.41
CA TYR A 118 -3.52 16.87 -1.50
C TYR A 118 -2.82 18.22 -1.39
N VAL A 119 -2.79 18.79 -0.20
CA VAL A 119 -2.14 20.10 -0.02
C VAL A 119 -0.63 20.02 -0.30
N ALA A 120 0.02 19.01 0.26
CA ALA A 120 1.48 18.84 0.11
C ALA A 120 1.91 18.64 -1.35
N ASN A 121 1.10 17.87 -2.07
CA ASN A 121 1.29 17.57 -3.49
C ASN A 121 1.19 18.80 -4.37
N LYS A 122 0.20 19.64 -4.04
CA LYS A 122 -0.06 20.90 -4.72
C LYS A 122 1.04 21.93 -4.43
N ILE A 123 1.41 22.06 -3.17
CA ILE A 123 2.44 22.99 -2.74
C ILE A 123 3.68 22.70 -3.57
N PHE A 124 4.05 21.42 -3.60
CA PHE A 124 5.29 21.03 -4.25
C PHE A 124 5.17 21.14 -5.76
N LYS A 125 4.19 20.48 -6.36
CA LYS A 125 4.09 20.41 -7.83
C LYS A 125 3.63 21.71 -8.50
N GLY A 126 2.67 22.39 -7.89
CA GLY A 126 2.15 23.63 -8.45
C GLY A 126 2.78 24.87 -7.84
N GLY A 127 3.24 24.75 -6.61
CA GLY A 127 3.82 25.88 -5.89
C GLY A 127 5.29 26.01 -6.19
N PHE A 128 6.09 25.00 -5.83
CA PHE A 128 7.55 25.06 -6.01
C PHE A 128 7.99 24.75 -7.45
N GLY A 129 7.19 23.96 -8.16
CA GLY A 129 7.51 23.54 -9.52
C GLY A 129 8.38 22.28 -9.60
N THR A 130 8.27 21.44 -8.58
CA THR A 130 8.96 20.15 -8.51
C THR A 130 7.98 19.00 -8.33
N ASN A 131 8.28 17.90 -9.01
CA ASN A 131 7.53 16.67 -8.87
C ASN A 131 8.19 15.72 -7.87
N ASN A 132 9.12 16.23 -7.06
CA ASN A 132 9.64 15.47 -5.91
C ASN A 132 8.59 15.30 -4.81
N VAL A 133 7.60 14.47 -5.11
CA VAL A 133 6.58 14.14 -4.16
C VAL A 133 6.41 12.64 -4.22
N ASP A 134 6.67 11.98 -3.12
CA ASP A 134 6.54 10.55 -3.09
C ASP A 134 6.16 10.14 -1.67
N GLY A 135 6.12 8.86 -1.39
CA GLY A 135 5.58 8.40 -0.13
C GLY A 135 5.64 6.91 -0.03
N ASN A 136 5.23 6.39 1.12
CA ASN A 136 5.46 5.00 1.42
C ASN A 136 4.62 4.02 0.62
N PRO A 137 3.53 4.49 -0.07
CA PRO A 137 2.92 3.47 -0.93
C PRO A 137 3.84 3.00 -2.04
N ARG A 138 4.84 3.80 -2.38
CA ARG A 138 5.88 3.34 -3.28
C ARG A 138 6.47 2.02 -2.79
N LEU A 139 6.45 1.81 -1.47
CA LEU A 139 7.09 0.64 -0.82
C LEU A 139 6.14 -0.52 -0.79
N CYS A 140 4.94 -0.28 -1.27
CA CYS A 140 3.83 -1.11 -0.99
C CYS A 140 2.93 -1.37 -2.20
N MET A 141 2.24 -0.34 -2.65
CA MET A 141 1.17 -0.55 -3.61
C MET A 141 1.53 -0.26 -5.07
N ALA A 142 2.76 0.24 -5.33
CA ALA A 142 3.10 0.72 -6.67
C ALA A 142 3.08 -0.40 -7.74
N SER A 143 3.35 -1.65 -7.32
CA SER A 143 3.30 -2.80 -8.25
C SER A 143 1.87 -3.11 -8.69
N ALA A 144 0.93 -2.84 -7.80
CA ALA A 144 -0.47 -3.14 -8.05
C ALA A 144 -1.06 -2.06 -8.92
N VAL A 145 -0.55 -0.83 -8.80
CA VAL A 145 -0.95 0.27 -9.67
C VAL A 145 -0.52 -0.08 -11.08
N GLY A 146 0.75 -0.45 -11.23
CA GLY A 146 1.28 -0.87 -12.53
C GLY A 146 0.52 -2.02 -13.13
N GLY A 147 0.24 -3.06 -12.32
CA GLY A 147 -0.53 -4.22 -12.81
C GLY A 147 -1.94 -3.82 -13.23
N TYR A 148 -2.60 -2.96 -12.47
CA TYR A 148 -3.97 -2.52 -12.78
C TYR A 148 -3.98 -1.60 -14.01
N VAL A 149 -2.94 -0.77 -14.14
CA VAL A 149 -2.88 0.19 -15.23
C VAL A 149 -2.49 -0.49 -16.55
N THR A 150 -1.52 -1.41 -16.52
CA THR A 150 -1.12 -2.12 -17.73
C THR A 150 -2.17 -3.13 -18.23
N SER A 151 -2.89 -3.79 -17.30
CA SER A 151 -3.95 -4.75 -17.62
C SER A 151 -5.28 -4.12 -18.00
N PHE A 152 -5.63 -3.01 -17.35
CA PHE A 152 -6.97 -2.42 -17.43
C PHE A 152 -7.02 -0.94 -17.86
N GLY A 153 -5.88 -0.25 -17.81
CA GLY A 153 -5.83 1.14 -18.21
C GLY A 153 -6.12 2.13 -17.12
N LYS A 154 -6.57 1.64 -15.95
CA LYS A 154 -6.93 2.44 -14.80
C LYS A 154 -6.53 1.74 -13.51
N ASP A 155 -6.26 2.52 -12.47
CA ASP A 155 -5.84 1.98 -11.18
C ASP A 155 -7.04 1.55 -10.34
N GLU A 156 -6.75 0.78 -9.29
CA GLU A 156 -7.67 0.41 -8.21
C GLU A 156 -8.51 -0.80 -8.60
N PRO A 157 -8.86 -1.67 -7.63
CA PRO A 157 -9.69 -2.86 -7.88
C PRO A 157 -10.98 -2.47 -8.63
N MET A 158 -11.59 -3.41 -9.35
CA MET A 158 -12.87 -3.16 -10.02
C MET A 158 -14.05 -3.77 -9.26
N GLY A 159 -13.75 -4.63 -8.26
CA GLY A 159 -14.77 -5.10 -7.33
C GLY A 159 -14.70 -4.41 -5.98
N THR A 160 -15.31 -5.03 -4.96
CA THR A 160 -15.34 -4.46 -3.60
C THR A 160 -15.35 -5.59 -2.60
N TYR A 161 -15.31 -5.26 -1.31
CA TYR A 161 -15.32 -6.30 -0.28
C TYR A 161 -16.58 -7.17 -0.32
N ALA A 162 -17.70 -6.57 -0.74
CA ALA A 162 -18.95 -7.30 -0.87
C ALA A 162 -18.87 -8.53 -1.76
N ASP A 163 -18.01 -8.51 -2.78
CA ASP A 163 -17.77 -9.71 -3.60
C ASP A 163 -17.30 -10.95 -2.82
N ILE A 164 -16.78 -10.75 -1.61
CA ILE A 164 -16.34 -11.83 -0.76
C ILE A 164 -17.54 -12.73 -0.42
N ASP A 165 -18.64 -12.08 -0.11
CA ASP A 165 -19.88 -12.73 0.23
C ASP A 165 -20.53 -13.58 -0.86
N GLN A 166 -19.98 -13.56 -2.08
CA GLN A 166 -20.56 -14.30 -3.23
C GLN A 166 -19.54 -15.15 -4.01
N ALA A 167 -18.28 -15.00 -3.72
CA ALA A 167 -17.27 -15.86 -4.31
C ALA A 167 -17.49 -17.30 -3.86
N THR A 168 -16.92 -18.22 -4.63
CA THR A 168 -17.18 -19.63 -4.49
C THR A 168 -15.78 -20.28 -4.54
N CYS A 169 -14.80 -19.44 -4.84
CA CYS A 169 -13.41 -19.79 -4.79
C CYS A 169 -12.64 -18.53 -4.42
N PHE A 170 -11.67 -18.65 -3.51
CA PHE A 170 -10.73 -17.59 -3.20
C PHE A 170 -9.33 -18.11 -3.49
N PHE A 171 -8.57 -17.33 -4.26
CA PHE A 171 -7.17 -17.62 -4.55
C PHE A 171 -6.36 -16.50 -3.89
N ILE A 172 -5.70 -16.84 -2.79
CA ILE A 172 -5.09 -15.86 -1.89
C ILE A 172 -3.60 -16.10 -1.95
N ILE A 173 -2.90 -15.20 -2.66
CA ILE A 173 -1.49 -15.37 -2.96
C ILE A 173 -0.74 -14.13 -2.45
N GLY A 174 0.41 -14.33 -1.80
CA GLY A 174 1.17 -13.21 -1.25
C GLY A 174 0.42 -12.47 -0.16
N SER A 175 -0.35 -13.18 0.66
CA SER A 175 -1.24 -12.50 1.61
C SER A 175 -1.39 -13.32 2.86
N ASN A 176 -1.12 -12.71 4.02
CA ASN A 176 -1.45 -13.26 5.34
C ASN A 176 -2.66 -12.48 5.83
N THR A 177 -3.81 -12.83 5.26
CA THR A 177 -4.99 -12.04 5.44
C THR A 177 -5.35 -12.00 6.91
N SER A 178 -5.29 -13.16 7.60
CA SER A 178 -5.67 -13.20 9.01
C SER A 178 -4.83 -12.32 9.94
N GLU A 179 -3.54 -12.17 9.66
CA GLU A 179 -2.69 -11.30 10.47
C GLU A 179 -2.62 -9.87 9.98
N ALA A 180 -2.85 -9.67 8.68
CA ALA A 180 -2.71 -8.36 8.05
C ALA A 180 -4.04 -7.62 7.70
N HIS A 181 -5.11 -8.37 7.48
CA HIS A 181 -6.45 -7.78 7.26
C HIS A 181 -7.44 -8.61 8.05
N PRO A 182 -7.37 -8.57 9.39
CA PRO A 182 -8.16 -9.55 10.18
C PRO A 182 -9.69 -9.51 9.89
N VAL A 183 -10.27 -8.34 9.89
CA VAL A 183 -11.71 -8.30 9.60
C VAL A 183 -12.06 -8.94 8.26
N LEU A 184 -11.23 -8.75 7.23
CA LEU A 184 -11.55 -9.31 5.90
C LEU A 184 -11.35 -10.81 5.87
N PHE A 185 -10.31 -11.29 6.56
CA PHE A 185 -10.13 -12.72 6.73
C PHE A 185 -11.30 -13.41 7.43
N ARG A 186 -11.87 -12.75 8.44
CA ARG A 186 -13.02 -13.24 9.15
C ARG A 186 -14.20 -13.36 8.19
N ARG A 187 -14.41 -12.32 7.36
CA ARG A 187 -15.39 -12.35 6.27
C ARG A 187 -15.13 -13.48 5.25
N ILE A 188 -13.86 -13.76 4.95
CA ILE A 188 -13.56 -14.87 4.01
C ILE A 188 -13.94 -16.21 4.64
N ALA A 189 -13.48 -16.44 5.88
CA ALA A 189 -13.84 -17.60 6.71
C ALA A 189 -15.35 -17.77 6.92
N ARG A 190 -16.03 -16.66 7.15
CA ARG A 190 -17.46 -16.61 7.32
C ARG A 190 -18.23 -17.16 6.11
N ARG A 191 -17.91 -16.65 4.91
CA ARG A 191 -18.43 -17.13 3.64
C ARG A 191 -18.24 -18.65 3.46
N LYS A 192 -17.02 -19.17 3.70
CA LYS A 192 -16.81 -20.62 3.67
C LYS A 192 -17.57 -21.37 4.77
N GLN A 193 -17.85 -20.70 5.88
CA GLN A 193 -18.65 -21.28 6.95
C GLN A 193 -20.09 -21.45 6.46
N VAL A 194 -20.58 -20.43 5.75
CA VAL A 194 -21.95 -20.41 5.29
C VAL A 194 -22.14 -21.31 4.04
N GLU A 195 -21.27 -21.14 3.03
CA GLU A 195 -21.22 -22.07 1.89
C GLU A 195 -19.98 -23.00 1.95
N PRO A 196 -20.11 -24.21 2.55
CA PRO A 196 -18.92 -25.10 2.69
C PRO A 196 -18.33 -25.69 1.37
N GLY A 197 -19.13 -25.69 0.28
CA GLY A 197 -18.63 -25.89 -1.07
C GLY A 197 -17.58 -24.89 -1.51
N VAL A 198 -17.49 -23.74 -0.82
CA VAL A 198 -16.48 -22.71 -1.11
C VAL A 198 -15.06 -23.28 -1.04
N LYS A 199 -14.24 -22.96 -2.04
CA LYS A 199 -12.84 -23.43 -2.08
C LYS A 199 -11.85 -22.28 -1.88
N ILE A 200 -10.79 -22.54 -1.11
CA ILE A 200 -9.77 -21.57 -0.77
C ILE A 200 -8.41 -22.22 -1.06
N ILE A 201 -7.65 -21.54 -1.93
CA ILE A 201 -6.24 -21.86 -2.20
C ILE A 201 -5.47 -20.72 -1.59
N VAL A 202 -4.52 -21.04 -0.71
CA VAL A 202 -3.63 -20.05 -0.15
C VAL A 202 -2.21 -20.35 -0.66
N ALA A 203 -1.66 -19.44 -1.48
CA ALA A 203 -0.34 -19.59 -2.05
C ALA A 203 0.59 -18.59 -1.41
N ASP A 204 1.57 -19.11 -0.69
CA ASP A 204 2.49 -18.34 0.11
C ASP A 204 3.58 -19.36 0.56
N PRO A 205 4.88 -19.04 0.40
CA PRO A 205 5.99 -19.93 0.85
C PRO A 205 5.94 -20.25 2.35
N ARG A 206 5.16 -19.47 3.10
CA ARG A 206 4.92 -19.67 4.53
C ARG A 206 3.53 -20.23 4.81
N ARG A 207 3.50 -21.08 5.81
CA ARG A 207 2.26 -21.66 6.30
C ARG A 207 1.77 -20.83 7.48
N THR A 208 0.85 -19.93 7.19
CA THR A 208 0.34 -18.96 8.19
C THR A 208 -1.09 -19.32 8.61
N ASN A 209 -1.61 -18.61 9.61
CA ASN A 209 -2.96 -18.84 10.12
C ASN A 209 -4.03 -18.73 9.03
N THR A 210 -3.69 -18.04 7.94
CA THR A 210 -4.54 -17.87 6.75
C THR A 210 -4.83 -19.19 6.01
N SER A 211 -3.82 -20.05 5.99
CA SER A 211 -3.90 -21.38 5.38
C SER A 211 -4.77 -22.40 6.16
N ARG A 212 -5.14 -22.07 7.40
CA ARG A 212 -5.94 -23.01 8.21
C ARG A 212 -7.42 -22.98 7.84
N ILE A 213 -7.79 -22.12 6.90
CA ILE A 213 -9.10 -22.26 6.24
C ILE A 213 -8.98 -22.70 4.77
N ALA A 214 -7.74 -22.99 4.33
CA ALA A 214 -7.46 -23.33 2.92
C ALA A 214 -7.78 -24.78 2.59
N ASP A 215 -8.41 -24.99 1.44
CA ASP A 215 -8.49 -26.32 0.86
C ASP A 215 -7.14 -26.82 0.40
N MET A 216 -6.28 -25.88 -0.03
CA MET A 216 -4.98 -26.17 -0.54
C MET A 216 -4.11 -25.00 -0.20
N HIS A 217 -2.97 -25.32 0.41
CA HIS A 217 -1.86 -24.40 0.65
C HIS A 217 -0.69 -24.77 -0.29
N VAL A 218 -0.37 -23.87 -1.22
CA VAL A 218 0.76 -24.01 -2.12
C VAL A 218 1.98 -23.29 -1.53
N ALA A 219 2.91 -24.09 -1.02
CA ALA A 219 4.14 -23.58 -0.37
C ALA A 219 5.26 -23.50 -1.38
N PHE A 220 5.05 -22.71 -2.43
CA PHE A 220 6.01 -22.66 -3.53
C PHE A 220 7.29 -21.96 -3.12
N ARG A 221 8.36 -22.24 -3.87
CA ARG A 221 9.65 -21.63 -3.61
C ARG A 221 9.52 -20.13 -3.93
N PRO A 222 10.10 -19.26 -3.08
CA PRO A 222 10.06 -17.82 -3.31
C PRO A 222 10.51 -17.43 -4.73
N GLY A 223 9.78 -16.49 -5.34
CA GLY A 223 10.07 -16.01 -6.70
C GLY A 223 9.43 -16.78 -7.84
N THR A 224 8.92 -17.99 -7.57
CA THR A 224 8.48 -18.90 -8.63
C THR A 224 6.95 -18.86 -8.90
N ASP A 225 6.25 -17.91 -8.28
CA ASP A 225 4.78 -17.86 -8.43
C ASP A 225 4.30 -17.41 -9.81
N LEU A 226 5.14 -16.62 -10.52
CA LEU A 226 4.88 -16.32 -11.93
C LEU A 226 4.78 -17.59 -12.79
N ALA A 227 5.75 -18.48 -12.65
CA ALA A 227 5.71 -19.77 -13.35
C ALA A 227 4.48 -20.56 -12.91
N PHE A 228 4.24 -20.61 -11.60
CA PHE A 228 3.07 -21.32 -11.07
C PHE A 228 1.76 -20.82 -11.70
N MET A 229 1.62 -19.50 -11.74
CA MET A 229 0.44 -18.89 -12.29
C MET A 229 0.27 -19.03 -13.81
N HIS A 230 1.37 -19.00 -14.55
CA HIS A 230 1.35 -19.33 -15.98
C HIS A 230 0.94 -20.78 -16.18
N SER A 231 1.53 -21.65 -15.37
CA SER A 231 1.20 -23.06 -15.38
C SER A 231 -0.30 -23.33 -15.12
N MET A 232 -0.92 -22.53 -14.25
CA MET A 232 -2.37 -22.56 -14.03
C MET A 232 -3.14 -22.22 -15.30
N ALA A 233 -2.68 -21.22 -16.05
CA ALA A 233 -3.35 -20.84 -17.34
C ALA A 233 -3.20 -21.91 -18.42
N TRP A 234 -2.03 -22.54 -18.49
CA TRP A 234 -1.82 -23.70 -19.35
C TRP A 234 -2.92 -24.74 -19.11
N VAL A 235 -3.15 -25.07 -17.83
CA VAL A 235 -4.10 -26.10 -17.43
C VAL A 235 -5.49 -25.65 -17.81
N ILE A 236 -5.82 -24.42 -17.46
CA ILE A 236 -7.11 -23.84 -17.77
C ILE A 236 -7.39 -23.90 -19.27
N ILE A 237 -6.40 -23.48 -20.07
CA ILE A 237 -6.50 -23.60 -21.54
C ILE A 237 -6.58 -25.07 -21.99
N ASN A 238 -5.59 -25.88 -21.56
CA ASN A 238 -5.50 -27.29 -21.96
C ASN A 238 -6.80 -28.10 -21.77
N GLU A 239 -7.50 -27.84 -20.67
CA GLU A 239 -8.66 -28.64 -20.27
C GLU A 239 -9.94 -27.95 -20.66
N GLU A 240 -9.80 -26.94 -21.51
CA GLU A 240 -10.91 -26.20 -22.10
C GLU A 240 -11.80 -25.61 -21.02
N LEU A 241 -11.16 -24.96 -20.03
CA LEU A 241 -11.86 -24.34 -18.91
C LEU A 241 -11.84 -22.84 -19.05
N ASP A 242 -11.40 -22.36 -20.23
CA ASP A 242 -11.34 -20.93 -20.44
C ASP A 242 -12.68 -20.45 -21.00
N ASN A 243 -12.80 -19.15 -21.23
CA ASN A 243 -14.08 -18.52 -21.54
C ASN A 243 -13.90 -17.70 -22.82
N PRO A 244 -13.95 -18.34 -24.01
CA PRO A 244 -13.76 -17.65 -25.28
C PRO A 244 -14.82 -16.59 -25.60
N ARG A 245 -16.05 -16.75 -25.14
CA ARG A 245 -17.04 -15.70 -25.36
C ARG A 245 -16.60 -14.41 -24.67
N PHE A 246 -15.93 -14.57 -23.52
CA PHE A 246 -15.35 -13.41 -22.83
C PHE A 246 -14.15 -12.80 -23.56
N TRP A 247 -13.03 -13.52 -23.57
CA TRP A 247 -11.76 -13.02 -24.08
C TRP A 247 -11.74 -12.66 -25.59
N GLN A 248 -12.52 -13.35 -26.41
CA GLN A 248 -12.63 -12.96 -27.83
C GLN A 248 -13.21 -11.56 -28.04
N ARG A 249 -14.07 -11.12 -27.13
CA ARG A 249 -14.77 -9.85 -27.21
CA ARG A 249 -14.71 -9.83 -27.26
C ARG A 249 -14.09 -8.78 -26.36
N TYR A 250 -13.53 -9.20 -25.23
CA TYR A 250 -13.12 -8.23 -24.21
C TYR A 250 -11.65 -8.13 -23.92
N VAL A 251 -10.85 -8.99 -24.56
CA VAL A 251 -9.44 -9.15 -24.18
C VAL A 251 -8.53 -9.02 -25.42
N ASN A 252 -7.39 -8.32 -25.24
CA ASN A 252 -6.23 -8.37 -26.15
C ASN A 252 -5.10 -9.12 -25.48
N PHE A 253 -4.26 -9.74 -26.29
CA PHE A 253 -3.11 -10.48 -25.83
C PHE A 253 -1.85 -9.75 -26.27
N MET A 254 -0.82 -9.73 -25.41
CA MET A 254 0.49 -9.11 -25.70
C MET A 254 1.57 -10.12 -25.41
N ASP A 255 2.47 -10.35 -26.38
CA ASP A 255 3.57 -11.31 -26.27
C ASP A 255 4.63 -10.95 -25.21
N ALA A 256 5.65 -11.80 -25.06
CA ALA A 256 6.76 -11.54 -24.14
C ALA A 256 7.57 -10.26 -24.44
N GLU A 257 7.53 -9.82 -25.70
CA GLU A 257 8.16 -8.54 -26.12
C GLU A 257 7.23 -7.32 -25.92
N GLY A 258 5.96 -7.56 -25.59
CA GLY A 258 4.97 -6.50 -25.44
C GLY A 258 4.31 -6.03 -26.74
N LYS A 259 4.37 -6.89 -27.76
CA LYS A 259 3.71 -6.64 -29.06
C LYS A 259 2.35 -7.35 -29.16
N PRO A 260 1.40 -6.77 -29.91
CA PRO A 260 0.13 -7.46 -30.14
C PRO A 260 0.28 -8.93 -30.57
N SER A 261 -0.48 -9.80 -29.95
CA SER A 261 -0.41 -11.23 -30.21
C SER A 261 -1.84 -11.74 -30.27
N ASP A 262 -2.03 -13.03 -29.98
CA ASP A 262 -3.38 -13.57 -29.93
C ASP A 262 -3.46 -14.84 -29.06
N PHE A 263 -4.64 -15.45 -29.05
CA PHE A 263 -4.86 -16.64 -28.25
C PHE A 263 -3.94 -17.82 -28.59
N GLU A 264 -3.62 -17.99 -29.87
CA GLU A 264 -2.69 -19.02 -30.28
C GLU A 264 -1.28 -18.69 -29.84
N GLY A 265 -0.94 -17.40 -29.93
CA GLY A 265 0.32 -16.91 -29.39
C GLY A 265 0.34 -17.17 -27.90
N TYR A 266 -0.75 -16.85 -27.19
CA TYR A 266 -0.85 -17.11 -25.75
C TYR A 266 -0.57 -18.59 -25.46
N LYS A 267 -1.31 -19.48 -26.14
CA LYS A 267 -1.12 -20.93 -26.05
C LYS A 267 0.31 -21.38 -26.32
N ALA A 268 0.95 -20.79 -27.32
CA ALA A 268 2.31 -21.17 -27.71
C ALA A 268 3.31 -20.80 -26.65
N PHE A 269 3.17 -19.58 -26.12
CA PHE A 269 3.94 -19.05 -25.00
C PHE A 269 3.85 -19.94 -23.75
N LEU A 270 2.63 -20.31 -23.40
CA LEU A 270 2.34 -21.15 -22.23
C LEU A 270 2.90 -22.58 -22.31
N GLU A 271 3.35 -23.02 -23.48
CA GLU A 271 3.97 -24.32 -23.59
C GLU A 271 5.22 -24.36 -22.73
N ASN A 272 5.76 -23.16 -22.47
CA ASN A 272 6.97 -22.99 -21.67
C ASN A 272 6.70 -23.20 -20.17
N TYR A 273 5.43 -23.36 -19.80
CA TYR A 273 5.01 -23.51 -18.38
C TYR A 273 4.08 -24.69 -18.13
N ARG A 274 4.41 -25.85 -18.71
CA ARG A 274 3.73 -27.11 -18.40
C ARG A 274 3.88 -27.51 -16.92
N PRO A 275 2.79 -28.03 -16.30
CA PRO A 275 2.75 -28.38 -14.86
C PRO A 275 3.91 -29.23 -14.32
N GLU A 276 4.37 -30.20 -15.10
CA GLU A 276 5.38 -31.14 -14.64
C GLU A 276 6.73 -30.45 -14.45
N LYS A 277 7.06 -29.58 -15.40
CA LYS A 277 8.30 -28.80 -15.40
C LYS A 277 8.27 -27.69 -14.35
N VAL A 278 7.13 -27.03 -14.24
CA VAL A 278 6.96 -25.91 -13.32
C VAL A 278 6.82 -26.37 -11.87
N ALA A 279 6.38 -27.61 -11.70
CA ALA A 279 6.24 -28.21 -10.38
C ALA A 279 7.58 -28.37 -9.71
N GLU A 280 8.63 -28.70 -10.47
CA GLU A 280 9.99 -28.79 -9.87
C GLU A 280 10.64 -27.44 -9.66
N ILE A 281 10.25 -26.44 -10.47
CA ILE A 281 10.80 -25.09 -10.31
C ILE A 281 10.31 -24.56 -8.97
N CYS A 282 9.03 -24.81 -8.70
CA CYS A 282 8.28 -24.26 -7.57
C CYS A 282 8.43 -25.07 -6.30
N ARG A 283 9.00 -26.27 -6.44
CA ARG A 283 9.09 -27.26 -5.36
C ARG A 283 7.70 -27.56 -4.76
N VAL A 284 6.70 -27.77 -5.63
CA VAL A 284 5.39 -28.26 -5.19
C VAL A 284 4.94 -29.52 -5.94
N PRO A 285 4.22 -30.41 -5.25
CA PRO A 285 3.61 -31.55 -5.97
C PRO A 285 2.71 -31.04 -7.13
N VAL A 286 2.81 -31.67 -8.32
CA VAL A 286 2.14 -31.21 -9.56
C VAL A 286 0.65 -31.09 -9.46
N GLU A 287 0.05 -31.90 -8.61
CA GLU A 287 -1.40 -31.96 -8.44
C GLU A 287 -1.93 -30.63 -7.88
N GLN A 288 -1.05 -29.84 -7.26
CA GLN A 288 -1.41 -28.50 -6.79
C GLN A 288 -1.68 -27.49 -7.89
N ILE A 289 -0.95 -27.60 -9.00
CA ILE A 289 -1.17 -26.76 -10.19
C ILE A 289 -2.54 -27.04 -10.84
N TYR A 290 -2.80 -28.32 -11.10
CA TYR A 290 -4.10 -28.77 -11.62
C TYR A 290 -5.23 -28.41 -10.66
N GLY A 291 -5.05 -28.65 -9.36
CA GLY A 291 -6.08 -28.34 -8.36
C GLY A 291 -6.46 -26.86 -8.28
N ALA A 292 -5.44 -26.00 -8.15
CA ALA A 292 -5.61 -24.54 -8.10
C ALA A 292 -6.28 -23.99 -9.36
N ALA A 293 -5.81 -24.47 -10.52
CA ALA A 293 -6.35 -24.07 -11.82
C ALA A 293 -7.80 -24.44 -12.01
N ARG A 294 -8.13 -25.68 -11.66
CA ARG A 294 -9.46 -26.23 -11.82
C ARG A 294 -10.48 -25.55 -10.90
N ALA A 295 -10.08 -25.37 -9.63
CA ALA A 295 -10.90 -24.68 -8.63
C ALA A 295 -11.18 -23.28 -9.11
N PHE A 296 -10.09 -22.58 -9.45
CA PHE A 296 -10.14 -21.27 -10.10
C PHE A 296 -11.19 -21.16 -11.23
N ALA A 297 -11.07 -22.03 -12.22
CA ALA A 297 -11.82 -21.94 -13.47
C ALA A 297 -13.22 -22.55 -13.40
N GLU A 298 -13.34 -23.67 -12.69
CA GLU A 298 -14.63 -24.40 -12.59
C GLU A 298 -15.62 -23.71 -11.66
N SER A 299 -15.12 -23.04 -10.63
CA SER A 299 -15.99 -22.35 -9.69
C SER A 299 -17.02 -21.36 -10.26
N ALA A 300 -18.15 -21.28 -9.62
CA ALA A 300 -19.21 -20.42 -10.11
C ALA A 300 -18.75 -18.95 -10.13
N ALA A 301 -17.93 -18.58 -9.15
CA ALA A 301 -17.41 -17.23 -9.03
C ALA A 301 -16.08 -17.24 -8.27
N THR A 302 -15.02 -16.70 -8.88
CA THR A 302 -13.68 -16.70 -8.28
C THR A 302 -13.12 -15.33 -7.99
N MET A 303 -12.73 -15.12 -6.73
CA MET A 303 -12.07 -13.88 -6.32
C MET A 303 -10.62 -14.15 -5.89
N SER A 304 -9.66 -13.40 -6.45
CA SER A 304 -8.26 -13.43 -6.03
C SER A 304 -7.94 -12.26 -5.12
N LEU A 305 -7.03 -12.51 -4.15
CA LEU A 305 -6.56 -11.49 -3.21
C LEU A 305 -5.09 -11.71 -2.98
N TRP A 306 -4.33 -10.62 -2.98
CA TRP A 306 -2.89 -10.67 -2.83
C TRP A 306 -2.38 -9.44 -2.13
N CYS A 307 -1.22 -9.55 -1.49
CA CYS A 307 -0.59 -8.39 -0.92
C CYS A 307 0.90 -8.45 -1.19
N MET A 308 1.70 -8.34 -0.13
CA MET A 308 3.09 -7.96 -0.31
C MET A 308 3.98 -8.98 -1.03
N GLY A 309 3.58 -10.25 -0.90
CA GLY A 309 4.35 -11.35 -1.46
C GLY A 309 4.36 -11.30 -2.96
N ILE A 310 3.29 -10.72 -3.52
CA ILE A 310 3.17 -10.36 -4.93
C ILE A 310 3.78 -8.98 -5.27
N ASN A 311 3.44 -7.93 -4.51
CA ASN A 311 3.83 -6.57 -4.86
C ASN A 311 5.30 -6.23 -4.56
N GLN A 312 5.83 -6.68 -3.42
CA GLN A 312 7.23 -6.29 -3.02
C GLN A 312 8.27 -7.12 -3.74
N ARG A 313 8.36 -6.90 -5.04
CA ARG A 313 9.08 -7.80 -5.93
C ARG A 313 9.56 -7.06 -7.16
N VAL A 314 10.77 -7.38 -7.61
CA VAL A 314 11.30 -6.82 -8.87
C VAL A 314 10.46 -7.23 -10.10
N GLN A 315 9.65 -8.28 -9.94
CA GLN A 315 8.67 -8.72 -10.94
C GLN A 315 7.25 -8.49 -10.41
N GLY A 316 7.12 -7.44 -9.60
CA GLY A 316 5.89 -7.08 -8.94
C GLY A 316 4.76 -6.79 -9.87
N VAL A 317 4.97 -5.90 -10.82
CA VAL A 317 3.95 -5.54 -11.84
C VAL A 317 3.52 -6.79 -12.64
N PHE A 318 4.53 -7.56 -13.06
CA PHE A 318 4.36 -8.75 -13.87
C PHE A 318 3.48 -9.78 -13.15
N ALA A 319 3.81 -10.04 -11.87
CA ALA A 319 2.98 -10.88 -10.99
C ALA A 319 1.52 -10.40 -10.86
N ASN A 320 1.32 -9.09 -10.69
CA ASN A 320 -0.06 -8.55 -10.72
C ASN A 320 -0.74 -8.87 -12.05
N ASN A 321 -0.03 -8.66 -13.17
CA ASN A 321 -0.58 -8.96 -14.53
C ASN A 321 -0.97 -10.44 -14.64
N LEU A 322 -0.16 -11.31 -14.06
CA LEU A 322 -0.42 -12.74 -14.18
C LEU A 322 -1.65 -13.19 -13.45
N ILE A 323 -1.92 -12.53 -12.31
CA ILE A 323 -3.17 -12.76 -11.61
C ILE A 323 -4.33 -12.29 -12.46
N HIS A 324 -4.28 -11.06 -12.97
CA HIS A 324 -5.30 -10.54 -13.90
C HIS A 324 -5.50 -11.43 -15.16
N ASN A 325 -4.44 -12.04 -15.67
CA ASN A 325 -4.53 -12.98 -16.83
C ASN A 325 -5.54 -14.10 -16.61
N LEU A 326 -5.52 -14.69 -15.40
CA LEU A 326 -6.38 -15.80 -15.01
C LEU A 326 -7.82 -15.41 -14.97
N HIS A 327 -8.10 -14.23 -14.43
CA HIS A 327 -9.46 -13.70 -14.39
C HIS A 327 -9.92 -13.37 -15.78
N LEU A 328 -9.01 -12.88 -16.62
CA LEU A 328 -9.39 -12.49 -18.00
C LEU A 328 -9.55 -13.66 -18.96
N ILE A 329 -8.74 -14.71 -18.81
CA ILE A 329 -8.90 -15.89 -19.69
C ILE A 329 -10.17 -16.69 -19.40
N THR A 330 -10.72 -16.51 -18.18
CA THR A 330 -11.86 -17.28 -17.67
C THR A 330 -13.15 -16.43 -17.55
N GLY A 331 -12.99 -15.11 -17.59
CA GLY A 331 -14.12 -14.20 -17.49
C GLY A 331 -14.64 -14.15 -16.07
N GLN A 332 -13.79 -14.54 -15.11
CA GLN A 332 -14.10 -14.48 -13.68
C GLN A 332 -13.87 -13.05 -13.19
N ILE A 333 -14.72 -12.14 -13.67
CA ILE A 333 -14.55 -10.71 -13.50
C ILE A 333 -15.85 -9.99 -13.87
N CYS A 334 -16.02 -8.80 -13.29
CA CYS A 334 -17.18 -7.94 -13.56
C CYS A 334 -18.51 -8.60 -13.24
N ARG A 335 -18.54 -9.43 -12.20
CA ARG A 335 -19.70 -10.23 -11.84
C ARG A 335 -19.59 -10.29 -10.33
N PRO A 336 -20.73 -10.31 -9.60
CA PRO A 336 -20.60 -10.47 -8.14
C PRO A 336 -19.92 -11.79 -7.78
N GLY A 337 -18.90 -11.74 -6.93
CA GLY A 337 -18.16 -12.94 -6.53
C GLY A 337 -16.86 -13.14 -7.29
N ALA A 338 -16.81 -12.53 -8.46
CA ALA A 338 -15.81 -12.85 -9.46
C ALA A 338 -15.09 -11.54 -9.80
N THR A 339 -13.84 -11.44 -9.34
CA THR A 339 -13.05 -10.23 -9.44
C THR A 339 -11.60 -10.48 -9.04
N SER A 340 -10.72 -9.57 -9.45
CA SER A 340 -9.26 -9.65 -9.21
C SER A 340 -8.89 -8.55 -8.22
N PHE A 341 -8.87 -8.89 -6.93
CA PHE A 341 -8.91 -7.85 -5.92
C PHE A 341 -7.59 -7.70 -5.19
N SER A 342 -6.78 -6.72 -5.61
CA SER A 342 -5.60 -6.34 -4.84
C SER A 342 -5.95 -5.67 -3.50
N LEU A 343 -5.32 -6.20 -2.46
CA LEU A 343 -5.50 -5.77 -1.11
C LEU A 343 -4.48 -4.65 -0.85
N THR A 344 -4.93 -3.56 -0.26
CA THR A 344 -4.11 -2.41 0.05
C THR A 344 -3.81 -2.50 1.52
N GLY A 345 -2.55 -2.27 1.87
CA GLY A 345 -2.09 -2.41 3.22
C GLY A 345 -2.39 -1.25 4.15
N GLN A 346 -2.27 -0.02 3.63
CA GLN A 346 -2.37 1.21 4.44
C GLN A 346 -3.78 1.74 4.39
N PRO A 347 -4.18 2.48 5.47
CA PRO A 347 -5.55 2.96 5.60
C PRO A 347 -5.90 3.93 4.48
N ASN A 348 -4.89 4.61 3.95
CA ASN A 348 -5.12 5.63 2.93
C ASN A 348 -4.15 5.69 1.78
N ALA A 349 -3.52 4.57 1.40
CA ALA A 349 -2.67 4.58 0.18
C ALA A 349 -3.53 4.89 -1.03
N CYS A 350 -4.75 4.37 -1.01
CA CYS A 350 -5.66 4.48 -2.10
C CYS A 350 -6.18 5.88 -2.26
N GLY A 351 -6.90 6.36 -1.24
CA GLY A 351 -7.45 7.73 -1.19
C GLY A 351 -6.44 8.85 -1.33
N GLY A 352 -5.39 8.81 -0.52
CA GLY A 352 -4.50 9.96 -0.37
C GLY A 352 -3.39 10.03 -1.39
N VAL A 353 -2.80 8.87 -1.68
CA VAL A 353 -1.61 8.81 -2.50
C VAL A 353 -1.84 8.36 -3.95
N ARG A 354 -2.62 7.28 -4.15
CA ARG A 354 -2.82 6.73 -5.50
C ARG A 354 -3.86 7.53 -6.27
N ASP A 355 -5.04 7.72 -5.69
CA ASP A 355 -6.08 8.50 -6.33
C ASP A 355 -5.65 9.98 -6.39
N GLY A 356 -5.07 10.47 -5.30
CA GLY A 356 -4.58 11.85 -5.28
C GLY A 356 -3.35 12.15 -6.13
N GLY A 357 -2.79 11.13 -6.79
CA GLY A 357 -1.57 11.31 -7.57
C GLY A 357 -0.44 11.95 -6.77
N ALA A 358 -0.22 11.49 -5.52
CA ALA A 358 0.82 12.08 -4.67
C ALA A 358 2.05 11.20 -4.72
N LEU A 359 2.40 10.80 -5.93
CA LEU A 359 3.64 10.07 -6.22
C LEU A 359 4.39 10.90 -7.28
N SER A 360 5.69 10.63 -7.46
CA SER A 360 6.60 11.48 -8.27
C SER A 360 6.29 11.59 -9.78
N HIS A 361 5.68 10.55 -10.34
CA HIS A 361 5.30 10.49 -11.76
C HIS A 361 3.81 10.80 -12.04
N LEU A 362 3.05 11.20 -11.02
CA LEU A 362 1.57 11.27 -11.16
C LEU A 362 0.99 12.64 -10.90
N LEU A 363 -0.27 12.81 -11.35
CA LEU A 363 -1.11 13.99 -11.04
C LEU A 363 -2.50 13.52 -10.56
N PRO A 364 -3.26 14.41 -9.88
CA PRO A 364 -4.50 13.95 -9.26
C PRO A 364 -5.53 13.35 -10.20
N ALA A 365 -6.23 12.32 -9.68
CA ALA A 365 -7.38 11.69 -10.35
C ALA A 365 -7.08 11.12 -11.74
N GLY A 366 -6.07 10.26 -11.84
CA GLY A 366 -5.77 9.57 -13.10
C GLY A 366 -4.75 10.23 -14.01
N ARG A 367 -4.31 11.44 -13.68
CA ARG A 367 -3.42 12.19 -14.60
C ARG A 367 -1.96 11.77 -14.46
N ALA A 368 -1.18 11.97 -15.51
CA ALA A 368 0.23 11.63 -15.51
C ALA A 368 1.12 12.85 -15.79
N ILE A 369 2.27 12.90 -15.12
CA ILE A 369 3.27 13.96 -15.29
C ILE A 369 3.81 14.07 -16.74
N PRO A 370 4.23 12.93 -17.36
CA PRO A 370 4.76 13.01 -18.74
C PRO A 370 3.75 13.49 -19.78
N ASN A 371 2.50 13.59 -19.37
CA ASN A 371 1.40 13.86 -20.29
C ASN A 371 1.09 15.35 -20.35
N ALA A 372 1.41 15.99 -21.47
CA ALA A 372 1.24 17.42 -21.62
C ALA A 372 -0.20 17.91 -21.42
N LYS A 373 -1.17 17.14 -21.89
CA LYS A 373 -2.57 17.49 -21.72
C LYS A 373 -2.95 17.49 -20.25
N HIS A 374 -2.50 16.48 -19.50
CA HIS A 374 -2.79 16.36 -18.07
C HIS A 374 -2.19 17.52 -17.29
N ARG A 375 -0.94 17.89 -17.61
CA ARG A 375 -0.31 19.07 -17.01
C ARG A 375 -1.16 20.33 -17.21
N ALA A 376 -1.55 20.58 -18.45
CA ALA A 376 -2.44 21.71 -18.77
C ALA A 376 -3.78 21.65 -18.03
N GLU A 377 -4.40 20.48 -18.01
CA GLU A 377 -5.63 20.23 -17.23
C GLU A 377 -5.51 20.67 -15.76
N MET A 378 -4.31 20.47 -15.18
CA MET A 378 -4.04 20.77 -13.77
C MET A 378 -3.65 22.23 -13.52
N GLU A 379 -2.85 22.78 -14.43
CA GLU A 379 -2.48 24.20 -14.39
C GLU A 379 -3.72 25.07 -14.46
N LYS A 380 -4.66 24.68 -15.33
CA LYS A 380 -5.99 25.30 -15.38
C LYS A 380 -6.81 25.15 -14.10
N LEU A 381 -6.92 23.91 -13.58
CA LEU A 381 -7.75 23.61 -12.40
C LEU A 381 -7.23 24.31 -11.14
N TRP A 382 -5.90 24.36 -11.04
CA TRP A 382 -5.17 24.92 -9.91
C TRP A 382 -4.80 26.42 -10.09
N GLY A 383 -5.14 27.00 -11.24
CA GLY A 383 -4.85 28.41 -11.53
C GLY A 383 -3.36 28.76 -11.58
N LEU A 384 -2.63 27.98 -12.37
CA LEU A 384 -1.18 28.14 -12.50
C LEU A 384 -0.80 28.77 -13.83
N PRO A 385 0.41 29.37 -13.90
CA PRO A 385 0.94 29.80 -15.20
C PRO A 385 1.27 28.55 -16.02
N GLU A 386 1.24 28.66 -17.35
CA GLU A 386 1.58 27.49 -18.18
C GLU A 386 3.03 27.04 -17.94
N GLY A 387 3.20 25.72 -17.87
CA GLY A 387 4.51 25.12 -17.73
C GLY A 387 5.05 25.11 -16.31
N ARG A 388 4.27 25.65 -15.36
CA ARG A 388 4.69 25.64 -13.95
C ARG A 388 4.95 24.20 -13.48
N ILE A 389 4.04 23.29 -13.83
CA ILE A 389 4.22 21.85 -13.56
C ILE A 389 5.33 21.28 -14.44
N ALA A 390 6.37 20.75 -13.80
CA ALA A 390 7.53 20.23 -14.50
C ALA A 390 7.15 18.97 -15.26
N PRO A 391 7.61 18.83 -16.53
CA PRO A 391 7.32 17.62 -17.31
C PRO A 391 8.08 16.32 -16.94
N GLU A 392 9.13 16.41 -16.12
CA GLU A 392 9.89 15.22 -15.70
C GLU A 392 9.34 14.69 -14.36
N PRO A 393 9.12 13.36 -14.24
CA PRO A 393 8.79 12.85 -12.91
C PRO A 393 9.90 13.19 -11.93
N GLY A 394 9.53 13.47 -10.68
CA GLY A 394 10.49 13.66 -9.61
C GLY A 394 11.12 12.35 -9.17
N TYR A 395 11.87 12.40 -8.08
CA TYR A 395 12.53 11.23 -7.56
C TYR A 395 11.52 10.26 -6.91
N HIS A 396 11.54 9.00 -7.35
CA HIS A 396 10.83 7.96 -6.63
C HIS A 396 11.63 7.62 -5.36
N THR A 397 10.93 7.05 -4.38
CA THR A 397 11.40 6.93 -2.99
C THR A 397 12.86 6.51 -2.83
N VAL A 398 13.22 5.38 -3.42
CA VAL A 398 14.57 4.84 -3.33
C VAL A 398 15.57 5.85 -3.87
N ALA A 399 15.28 6.38 -5.06
CA ALA A 399 16.17 7.34 -5.75
C ALA A 399 16.13 8.73 -5.10
N LEU A 400 15.00 9.06 -4.47
CA LEU A 400 14.84 10.24 -3.64
C LEU A 400 15.88 10.25 -2.55
N PHE A 401 15.93 9.14 -1.83
CA PHE A 401 16.82 9.04 -0.66
C PHE A 401 18.24 8.88 -1.11
N GLU A 402 18.44 8.33 -2.31
CA GLU A 402 19.77 8.32 -2.92
C GLU A 402 20.21 9.75 -3.27
N ALA A 403 19.27 10.54 -3.79
CA ALA A 403 19.54 11.95 -4.12
C ALA A 403 19.84 12.79 -2.88
N LEU A 404 19.17 12.48 -1.76
CA LEU A 404 19.48 13.10 -0.46
C LEU A 404 20.90 12.77 -0.03
N GLY A 405 21.31 11.53 -0.31
CA GLY A 405 22.65 11.05 0.04
C GLY A 405 23.77 11.72 -0.71
N ARG A 406 23.49 12.09 -1.97
CA ARG A 406 24.44 12.76 -2.85
C ARG A 406 24.48 14.27 -2.60
N GLY A 407 23.40 14.81 -2.05
CA GLY A 407 23.33 16.24 -1.74
C GLY A 407 22.54 16.98 -2.78
N ASP A 408 21.97 16.24 -3.74
CA ASP A 408 21.09 16.80 -4.78
C ASP A 408 19.73 17.23 -4.22
N VAL A 409 19.19 16.45 -3.30
CA VAL A 409 18.01 16.88 -2.54
C VAL A 409 18.55 17.41 -1.22
N LYS A 410 18.32 18.70 -0.96
CA LYS A 410 18.87 19.35 0.22
C LYS A 410 17.89 19.51 1.35
N CYS A 411 16.63 19.77 1.01
CA CYS A 411 15.57 19.87 2.01
C CYS A 411 14.48 18.83 1.77
N MET A 412 14.13 18.09 2.82
CA MET A 412 13.09 17.08 2.72
C MET A 412 12.07 17.17 3.85
N ILE A 413 10.79 17.00 3.54
CA ILE A 413 9.80 16.80 4.59
C ILE A 413 9.44 15.32 4.66
N ILE A 414 9.52 14.75 5.86
CA ILE A 414 9.01 13.43 6.17
C ILE A 414 7.72 13.58 7.00
N CYS A 415 6.61 13.01 6.52
CA CYS A 415 5.32 13.17 7.20
C CYS A 415 4.54 11.84 7.35
N GLU A 416 4.27 11.47 8.61
CA GLU A 416 3.51 10.27 8.98
C GLU A 416 4.10 8.97 8.37
N THR A 417 5.44 8.90 8.33
CA THR A 417 6.19 7.67 7.98
C THR A 417 7.47 7.63 8.78
N ASN A 418 8.10 6.46 8.81
CA ASN A 418 9.32 6.22 9.64
C ASN A 418 10.41 5.55 8.81
N PRO A 419 10.93 6.26 7.78
CA PRO A 419 11.77 5.64 6.76
C PRO A 419 13.14 5.13 7.27
N ALA A 420 13.58 5.61 8.43
CA ALA A 420 14.89 5.15 8.98
C ALA A 420 14.76 3.75 9.58
N HIS A 421 13.52 3.27 9.64
CA HIS A 421 13.19 1.97 10.20
C HIS A 421 12.69 1.09 9.06
N THR A 422 11.93 1.69 8.13
CA THR A 422 11.20 0.94 7.12
C THR A 422 11.68 0.99 5.64
N LEU A 423 12.68 1.81 5.33
CA LEU A 423 13.23 1.77 3.97
C LEU A 423 14.13 0.55 3.81
N PRO A 424 14.32 0.04 2.57
CA PRO A 424 15.17 -1.14 2.42
C PRO A 424 16.63 -0.73 2.38
N ASN A 425 17.52 -1.68 2.68
CA ASN A 425 18.96 -1.40 2.67
C ASN A 425 19.34 -0.24 3.61
N LEU A 426 19.10 -0.41 4.91
CA LEU A 426 19.18 0.67 5.91
C LEU A 426 20.54 1.33 6.15
N ASN A 427 21.64 0.56 6.12
CA ASN A 427 22.98 1.13 6.26
C ASN A 427 23.29 2.20 5.20
N LYS A 428 22.84 1.93 3.98
CA LYS A 428 22.93 2.86 2.87
C LYS A 428 22.00 4.06 3.09
N VAL A 429 20.80 3.82 3.57
CA VAL A 429 19.83 4.89 3.76
C VAL A 429 20.23 5.79 4.96
N HIS A 430 20.59 5.19 6.09
CA HIS A 430 21.05 5.95 7.26
C HIS A 430 22.20 6.89 6.91
N LYS A 431 23.12 6.45 6.04
CA LYS A 431 24.21 7.33 5.55
C LYS A 431 23.64 8.50 4.75
N ALA A 432 22.79 8.19 3.78
CA ALA A 432 22.13 9.20 2.98
C ALA A 432 21.42 10.24 3.87
N MET A 433 20.72 9.74 4.90
CA MET A 433 19.95 10.58 5.82
C MET A 433 20.81 11.40 6.80
N SER A 434 22.10 11.07 6.85
CA SER A 434 23.06 11.72 7.71
C SER A 434 23.90 12.75 6.94
N HIS A 435 23.51 13.06 5.71
CA HIS A 435 24.24 14.07 4.95
C HIS A 435 24.35 15.36 5.78
N PRO A 436 25.59 15.84 6.03
CA PRO A 436 25.74 16.89 7.04
C PRO A 436 25.12 18.22 6.64
N GLU A 437 24.82 18.40 5.36
CA GLU A 437 24.25 19.68 4.87
C GLU A 437 22.78 19.59 4.47
N SER A 438 22.17 18.45 4.78
CA SER A 438 20.75 18.20 4.56
C SER A 438 19.88 18.91 5.60
N PHE A 439 18.68 19.30 5.20
CA PHE A 439 17.71 19.86 6.14
C PHE A 439 16.46 18.99 6.12
N ILE A 440 16.26 18.24 7.19
CA ILE A 440 15.18 17.26 7.27
C ILE A 440 14.13 17.72 8.28
N VAL A 441 12.89 17.87 7.84
CA VAL A 441 11.77 18.28 8.69
C VAL A 441 10.83 17.10 8.84
N CYS A 442 10.52 16.75 10.09
CA CYS A 442 9.69 15.59 10.36
C CYS A 442 8.34 15.99 10.99
N ILE A 443 7.23 15.62 10.37
CA ILE A 443 5.94 15.74 11.05
C ILE A 443 5.62 14.36 11.64
N GLU A 444 5.68 14.27 12.97
CA GLU A 444 5.70 12.97 13.65
C GLU A 444 5.00 13.13 14.97
N ALA A 445 4.16 12.16 15.32
CA ALA A 445 3.34 12.23 16.53
C ALA A 445 3.99 11.60 17.78
N PHE A 446 4.94 10.67 17.59
CA PHE A 446 5.51 9.86 18.67
C PHE A 446 7.03 9.96 18.74
N PRO A 447 7.58 10.30 19.93
CA PRO A 447 9.00 10.67 19.99
C PRO A 447 9.99 9.50 19.80
N ASP A 448 9.49 8.27 19.87
CA ASP A 448 10.33 7.10 19.78
C ASP A 448 10.56 6.58 18.36
N ALA A 449 10.02 7.30 17.37
CA ALA A 449 10.30 7.02 15.96
C ALA A 449 11.77 7.27 15.68
N VAL A 450 12.46 6.24 15.19
CA VAL A 450 13.93 6.27 15.03
C VAL A 450 14.40 7.34 14.02
N THR A 451 13.53 7.67 13.07
CA THR A 451 13.75 8.70 12.07
C THR A 451 13.98 10.09 12.68
N LEU A 452 13.43 10.32 13.89
CA LEU A 452 13.65 11.59 14.61
C LEU A 452 15.11 11.83 15.02
N GLU A 453 15.89 10.75 15.13
CA GLU A 453 17.33 10.85 15.30
C GLU A 453 18.04 11.50 14.11
N TYR A 454 17.34 11.65 12.98
CA TYR A 454 17.88 12.30 11.77
C TYR A 454 17.31 13.68 11.49
N ALA A 455 16.23 14.03 12.18
CA ALA A 455 15.52 15.28 11.93
C ALA A 455 16.30 16.48 12.44
N ASP A 456 16.19 17.57 11.67
CA ASP A 456 16.74 18.88 12.06
C ASP A 456 15.63 19.75 12.64
N LEU A 457 14.39 19.42 12.30
CA LEU A 457 13.25 20.13 12.83
C LEU A 457 12.08 19.17 12.97
N VAL A 458 11.38 19.21 14.11
CA VAL A 458 10.22 18.34 14.33
C VAL A 458 8.96 19.15 14.61
N LEU A 459 7.89 18.91 13.85
CA LEU A 459 6.62 19.64 14.01
C LEU A 459 5.56 18.72 14.61
N PRO A 460 4.96 19.13 15.75
CA PRO A 460 3.93 18.34 16.48
C PRO A 460 2.51 18.33 15.87
N PRO A 461 2.06 17.17 15.36
CA PRO A 461 0.76 17.10 14.69
C PRO A 461 -0.39 16.62 15.55
N ALA A 462 -1.59 17.07 15.22
CA ALA A 462 -2.84 16.43 15.65
C ALA A 462 -2.84 14.98 15.12
N PHE A 463 -3.23 14.02 15.97
CA PHE A 463 -3.16 12.61 15.65
C PHE A 463 -4.57 12.06 15.44
N TRP A 464 -4.72 11.29 14.37
CA TRP A 464 -5.95 10.54 14.13
C TRP A 464 -7.20 11.43 14.19
N CYS A 465 -8.05 11.21 15.20
CA CYS A 465 -9.32 11.92 15.32
C CYS A 465 -9.24 13.16 16.22
N GLU A 466 -8.01 13.64 16.45
CA GLU A 466 -7.78 14.98 16.97
C GLU A 466 -8.11 16.05 15.92
N ARG A 467 -8.42 15.62 14.70
CA ARG A 467 -8.77 16.51 13.59
C ARG A 467 -9.56 15.68 12.60
N ASP A 468 -10.22 16.33 11.64
CA ASP A 468 -11.09 15.65 10.67
C ASP A 468 -10.41 15.43 9.31
N GLY A 469 -10.77 14.35 8.63
CA GLY A 469 -10.37 14.15 7.25
C GLY A 469 -10.64 12.75 6.76
N VAL A 470 -10.42 12.54 5.46
CA VAL A 470 -10.86 11.34 4.76
C VAL A 470 -9.75 10.30 4.57
N TYR A 471 -10.13 9.04 4.72
CA TYR A 471 -9.29 7.89 4.46
C TYR A 471 -9.99 7.08 3.36
N GLY A 472 -9.24 6.69 2.32
CA GLY A 472 -9.80 5.82 1.29
C GLY A 472 -9.14 4.44 1.32
N CYS A 473 -9.91 3.43 1.74
CA CYS A 473 -9.43 2.06 1.96
C CYS A 473 -9.30 1.28 0.65
N GLY A 474 -8.94 0.00 0.72
CA GLY A 474 -8.67 -0.82 -0.49
C GLY A 474 -9.84 -1.11 -1.43
N GLU A 475 -11.04 -0.67 -1.09
CA GLU A 475 -12.22 -1.01 -1.87
C GLU A 475 -12.95 0.18 -2.50
N ARG A 476 -12.23 1.29 -2.60
CA ARG A 476 -12.65 2.54 -3.23
C ARG A 476 -13.63 3.31 -2.36
N ARG A 477 -13.61 2.93 -1.07
CA ARG A 477 -14.49 3.49 -0.07
C ARG A 477 -13.81 4.71 0.53
N TYR A 478 -14.43 5.86 0.37
CA TYR A 478 -14.02 7.11 1.04
C TYR A 478 -14.89 7.35 2.26
N SER A 479 -14.26 7.31 3.43
CA SER A 479 -14.95 7.48 4.71
C SER A 479 -14.35 8.65 5.48
N LEU A 480 -15.20 9.43 6.12
CA LEU A 480 -14.75 10.54 6.97
C LEU A 480 -14.45 10.11 8.41
N THR A 481 -13.37 10.66 8.97
CA THR A 481 -13.25 10.77 10.44
C THR A 481 -13.53 12.23 10.86
N GLU A 482 -14.54 12.40 11.71
CA GLU A 482 -14.79 13.68 12.35
C GLU A 482 -13.87 13.84 13.57
N LYS A 483 -13.65 15.08 14.00
CA LYS A 483 -12.82 15.36 15.17
C LYS A 483 -13.59 15.01 16.45
N ALA A 484 -12.96 14.18 17.30
CA ALA A 484 -13.54 13.63 18.52
C ALA A 484 -12.98 14.28 19.77
N VAL A 485 -11.71 14.67 19.70
CA VAL A 485 -11.04 15.35 20.80
C VAL A 485 -10.11 16.46 20.30
N ASP A 486 -9.70 17.35 21.19
CA ASP A 486 -8.71 18.36 20.90
C ASP A 486 -7.33 17.72 20.83
N PRO A 487 -6.44 18.25 19.98
CA PRO A 487 -5.05 17.82 20.06
C PRO A 487 -4.45 18.29 21.39
N PRO A 488 -3.46 17.56 21.94
CA PRO A 488 -2.83 18.00 23.19
C PRO A 488 -1.74 19.04 22.93
N GLY A 489 -1.29 19.75 23.97
CA GLY A 489 -0.18 20.69 23.86
C GLY A 489 -0.25 21.63 22.66
N GLN A 490 0.83 21.71 21.88
CA GLN A 490 0.87 22.61 20.72
C GLN A 490 0.67 21.87 19.39
N CYS A 491 -0.14 20.83 19.43
CA CYS A 491 -0.36 20.00 18.24
C CYS A 491 -1.34 20.68 17.31
N ARG A 492 -1.02 20.66 16.02
CA ARG A 492 -1.83 21.36 15.03
C ARG A 492 -2.12 20.42 13.85
N PRO A 493 -3.29 20.59 13.22
CA PRO A 493 -3.55 19.81 12.00
C PRO A 493 -2.54 20.09 10.90
N THR A 494 -2.06 19.03 10.25
CA THR A 494 -1.05 19.17 9.22
C THR A 494 -1.60 19.92 8.02
N VAL A 495 -2.89 19.84 7.77
CA VAL A 495 -3.49 20.66 6.69
C VAL A 495 -3.21 22.16 6.91
N ASN A 496 -3.27 22.61 8.17
CA ASN A 496 -3.01 24.01 8.54
C ASN A 496 -1.52 24.33 8.54
N THR A 497 -0.72 23.45 9.15
CA THR A 497 0.73 23.56 9.08
C THR A 497 1.25 23.75 7.65
N LEU A 498 0.67 23.03 6.68
CA LEU A 498 1.15 23.02 5.28
C LEU A 498 0.85 24.35 4.60
N VAL A 499 -0.35 24.87 4.87
CA VAL A 499 -0.79 26.15 4.35
C VAL A 499 0.14 27.29 4.82
N GLU A 500 0.39 27.34 6.14
CA GLU A 500 1.29 28.34 6.72
C GLU A 500 2.71 28.18 6.19
N PHE A 501 3.20 26.94 6.16
CA PHE A 501 4.47 26.66 5.50
C PHE A 501 4.52 27.27 4.10
N ALA A 502 3.58 26.86 3.24
CA ALA A 502 3.48 27.36 1.86
C ALA A 502 3.50 28.90 1.80
N ARG A 503 2.53 29.51 2.48
CA ARG A 503 2.45 30.96 2.56
C ARG A 503 3.77 31.63 2.92
N ARG A 504 4.39 31.18 4.02
CA ARG A 504 5.63 31.76 4.52
C ARG A 504 6.83 31.55 3.59
N ALA A 505 6.75 30.51 2.77
CA ALA A 505 7.79 30.16 1.82
C ALA A 505 7.57 30.80 0.45
N GLY A 506 6.69 31.78 0.36
CA GLY A 506 6.50 32.52 -0.88
C GLY A 506 5.58 31.89 -1.92
N VAL A 507 4.83 30.86 -1.54
CA VAL A 507 3.82 30.26 -2.43
C VAL A 507 2.63 31.20 -2.53
N ASP A 508 2.06 31.33 -3.73
CA ASP A 508 0.87 32.16 -3.97
C ASP A 508 -0.33 31.68 -3.14
N PRO A 509 -0.89 32.56 -2.29
CA PRO A 509 -1.96 32.21 -1.34
C PRO A 509 -3.23 31.66 -1.99
N GLN A 510 -3.43 31.96 -3.27
CA GLN A 510 -4.54 31.42 -4.05
C GLN A 510 -4.37 29.91 -4.22
N LEU A 511 -3.10 29.46 -4.22
CA LEU A 511 -2.78 28.03 -4.29
C LEU A 511 -3.11 27.22 -3.01
N VAL A 512 -3.09 27.88 -1.85
CA VAL A 512 -3.41 27.20 -0.58
C VAL A 512 -4.56 27.88 0.16
N ASN A 513 -5.66 28.09 -0.56
CA ASN A 513 -6.81 28.83 -0.04
C ASN A 513 -7.76 27.98 0.81
N PHE A 514 -7.23 27.49 1.93
CA PHE A 514 -7.90 26.50 2.77
C PHE A 514 -7.84 26.86 4.25
N ARG A 515 -9.00 27.03 4.87
CA ARG A 515 -9.07 27.27 6.32
C ARG A 515 -8.92 25.97 7.10
N ASN A 516 -9.41 24.89 6.49
CA ASN A 516 -9.50 23.60 7.15
C ASN A 516 -9.45 22.48 6.11
N ALA A 517 -9.62 21.25 6.56
CA ALA A 517 -9.60 20.07 5.69
C ALA A 517 -10.85 19.93 4.82
N GLU A 518 -11.99 20.47 5.28
CA GLU A 518 -13.19 20.47 4.44
C GLU A 518 -12.95 21.30 3.18
N ASP A 519 -12.33 22.46 3.34
CA ASP A 519 -12.05 23.34 2.21
C ASP A 519 -11.31 22.59 1.10
N VAL A 520 -10.27 21.84 1.48
CA VAL A 520 -9.46 21.16 0.49
C VAL A 520 -10.23 20.03 -0.19
N TRP A 521 -11.11 19.36 0.56
CA TRP A 521 -11.95 18.28 0.03
C TRP A 521 -12.79 18.73 -1.16
N ASN A 522 -13.45 19.88 -1.00
CA ASN A 522 -14.26 20.51 -2.04
C ASN A 522 -13.49 20.83 -3.31
N GLU A 523 -12.25 21.25 -3.17
CA GLU A 523 -11.39 21.45 -4.31
C GLU A 523 -10.98 20.11 -4.93
N TRP A 524 -10.50 19.17 -4.11
CA TRP A 524 -10.22 17.80 -4.57
C TRP A 524 -11.43 17.19 -5.31
N ARG A 525 -12.62 17.31 -4.72
CA ARG A 525 -13.86 16.99 -5.41
C ARG A 525 -13.91 17.57 -6.83
N MET A 526 -13.65 18.87 -6.94
CA MET A 526 -13.66 19.57 -8.23
C MET A 526 -12.64 19.03 -9.24
N VAL A 527 -11.43 18.76 -8.75
CA VAL A 527 -10.31 18.26 -9.56
C VAL A 527 -10.52 16.83 -10.08
N SER A 528 -11.40 16.08 -9.41
CA SER A 528 -11.80 14.72 -9.82
C SER A 528 -12.95 14.74 -10.81
N LYS A 529 -13.72 15.82 -10.80
CA LYS A 529 -14.94 15.94 -11.60
C LYS A 529 -14.67 15.66 -13.09
N GLY A 530 -15.49 14.76 -13.64
CA GLY A 530 -15.36 14.38 -15.05
C GLY A 530 -14.39 13.26 -15.36
N THR A 531 -13.48 12.94 -14.42
CA THR A 531 -12.57 11.82 -14.56
C THR A 531 -13.28 10.51 -14.21
N THR A 532 -12.65 9.37 -14.49
CA THR A 532 -13.18 8.08 -14.05
C THR A 532 -12.88 7.79 -12.56
N TYR A 533 -12.31 8.80 -11.87
CA TYR A 533 -12.15 8.80 -10.41
C TYR A 533 -13.19 9.76 -9.78
N ASP A 534 -14.26 10.07 -10.49
CA ASP A 534 -15.14 11.20 -10.12
C ASP A 534 -15.90 10.94 -8.85
N PHE A 535 -15.66 11.76 -7.82
CA PHE A 535 -16.39 11.63 -6.55
C PHE A 535 -17.03 12.95 -6.08
N TRP A 536 -17.45 13.77 -7.04
CA TRP A 536 -18.00 15.10 -6.77
C TRP A 536 -19.24 15.00 -5.90
N GLY A 537 -19.94 13.87 -6.00
CA GLY A 537 -21.13 13.65 -5.21
C GLY A 537 -20.88 13.33 -3.74
N MET A 538 -19.62 13.17 -3.36
CA MET A 538 -19.27 12.99 -1.95
C MET A 538 -19.08 14.34 -1.23
N THR A 539 -20.19 15.01 -0.88
CA THR A 539 -20.11 16.27 -0.12
C THR A 539 -19.71 15.91 1.31
N ARG A 540 -19.24 16.87 2.10
CA ARG A 540 -18.93 16.59 3.51
C ARG A 540 -20.17 16.14 4.21
N GLU A 541 -21.30 16.77 3.88
CA GLU A 541 -22.58 16.47 4.49
CA GLU A 541 -22.54 16.45 4.55
C GLU A 541 -22.89 14.99 4.28
N ARG A 542 -22.78 14.55 3.05
CA ARG A 542 -22.97 13.14 2.72
C ARG A 542 -22.07 12.22 3.54
N LEU A 543 -20.79 12.55 3.61
CA LEU A 543 -19.79 11.73 4.33
C LEU A 543 -19.91 11.74 5.87
N ARG A 544 -20.42 12.84 6.45
CA ARG A 544 -20.79 12.84 7.88
C ARG A 544 -21.97 11.93 8.18
N LYS A 545 -22.92 11.82 7.24
CA LYS A 545 -24.10 11.00 7.50
C LYS A 545 -23.92 9.53 7.12
N GLU A 546 -23.17 9.28 6.05
CA GLU A 546 -22.97 7.92 5.55
C GLU A 546 -21.71 7.38 6.20
N SER A 547 -21.58 6.05 6.18
CA SER A 547 -20.36 5.37 6.58
C SER A 547 -19.57 4.97 5.32
N GLY A 548 -19.05 5.99 4.64
CA GLY A 548 -18.29 5.80 3.41
C GLY A 548 -19.15 5.77 2.16
N LEU A 549 -18.59 6.32 1.08
CA LEU A 549 -19.11 6.10 -0.27
C LEU A 549 -18.03 5.50 -1.17
N ILE A 550 -18.44 4.61 -2.08
CA ILE A 550 -17.51 4.02 -3.04
C ILE A 550 -17.58 4.72 -4.40
N TRP A 551 -16.43 5.25 -4.86
CA TRP A 551 -16.33 5.94 -6.16
C TRP A 551 -16.23 4.93 -7.33
N PRO A 552 -16.61 5.35 -8.57
CA PRO A 552 -17.25 6.60 -9.04
C PRO A 552 -18.57 6.95 -8.38
N CYS A 553 -18.63 8.17 -7.85
CA CYS A 553 -19.82 8.71 -7.21
C CYS A 553 -19.95 10.17 -7.68
N PRO A 554 -20.39 10.36 -8.94
CA PRO A 554 -20.30 11.67 -9.60
C PRO A 554 -21.27 12.76 -9.18
N SER A 555 -22.24 12.44 -8.31
CA SER A 555 -23.29 13.40 -7.95
C SER A 555 -23.98 13.01 -6.64
N GLU A 556 -24.73 13.95 -6.05
CA GLU A 556 -25.32 13.78 -4.72
C GLU A 556 -26.50 12.80 -4.68
N ASP A 557 -27.06 12.46 -5.83
CA ASP A 557 -28.14 11.48 -5.83
C ASP A 557 -27.70 10.13 -6.38
N HIS A 558 -26.37 9.99 -6.54
CA HIS A 558 -25.77 8.74 -6.99
C HIS A 558 -25.24 7.93 -5.78
N PRO A 559 -25.65 6.64 -5.69
CA PRO A 559 -25.33 5.82 -4.52
C PRO A 559 -23.85 5.38 -4.42
N GLY A 560 -23.07 5.61 -5.49
CA GLY A 560 -21.71 5.07 -5.62
C GLY A 560 -21.70 3.84 -6.48
N THR A 561 -20.53 3.24 -6.66
CA THR A 561 -20.32 2.17 -7.65
C THR A 561 -19.71 0.91 -7.01
N SER A 562 -20.33 -0.24 -7.22
CA SER A 562 -19.68 -1.46 -6.82
C SER A 562 -18.96 -2.09 -7.99
N LEU A 563 -19.62 -2.25 -9.14
CA LEU A 563 -18.91 -2.91 -10.28
C LEU A 563 -18.44 -1.94 -11.34
N ARG A 564 -17.14 -1.62 -11.30
CA ARG A 564 -16.54 -0.84 -12.36
C ARG A 564 -16.49 -1.64 -13.66
N TYR A 565 -16.50 -0.92 -14.79
CA TYR A 565 -16.35 -1.46 -16.15
C TYR A 565 -17.62 -2.18 -16.63
N VAL A 566 -18.68 -2.09 -15.83
CA VAL A 566 -19.90 -2.83 -16.10
C VAL A 566 -21.05 -1.88 -16.50
N ARG A 567 -21.50 -1.98 -17.74
CA ARG A 567 -22.69 -1.24 -18.18
C ARG A 567 -23.82 -1.45 -17.17
N GLY A 568 -24.42 -0.35 -16.73
CA GLY A 568 -25.57 -0.41 -15.82
C GLY A 568 -25.23 -0.24 -14.35
N GLN A 569 -23.95 -0.42 -14.02
CA GLN A 569 -23.42 -0.39 -12.66
C GLN A 569 -22.37 0.71 -12.48
N ASP A 570 -21.61 0.98 -13.54
CA ASP A 570 -20.59 2.01 -13.52
C ASP A 570 -21.05 3.24 -14.34
N PRO A 571 -21.18 4.43 -13.70
CA PRO A 571 -21.67 5.59 -14.46
C PRO A 571 -20.73 6.05 -15.58
N CYS A 572 -19.47 5.62 -15.53
CA CYS A 572 -18.47 5.94 -16.56
C CYS A 572 -18.60 5.05 -17.83
N VAL A 573 -19.45 4.03 -17.75
CA VAL A 573 -19.84 3.23 -18.90
C VAL A 573 -21.11 3.90 -19.46
N PRO A 574 -21.05 4.43 -20.70
CA PRO A 574 -22.28 5.07 -21.22
C PRO A 574 -23.47 4.11 -21.14
N ALA A 575 -24.62 4.61 -20.68
CA ALA A 575 -25.81 3.78 -20.57
C ALA A 575 -26.00 3.02 -21.88
N ASP A 576 -25.99 3.75 -23.00
CA ASP A 576 -26.12 3.23 -24.36
C ASP A 576 -24.90 2.50 -24.96
N HIS A 577 -23.94 2.07 -24.14
CA HIS A 577 -22.76 1.36 -24.64
C HIS A 577 -23.20 0.02 -25.25
N PRO A 578 -22.65 -0.37 -26.44
CA PRO A 578 -23.06 -1.61 -27.12
C PRO A 578 -22.85 -2.93 -26.35
N ASP A 579 -21.82 -2.99 -25.50
CA ASP A 579 -21.43 -4.22 -24.78
C ASP A 579 -21.64 -4.16 -23.27
N ARG A 580 -21.83 -5.31 -22.64
CA ARG A 580 -22.15 -5.35 -21.21
C ARG A 580 -20.99 -4.89 -20.34
N PHE A 581 -19.75 -5.08 -20.83
CA PHE A 581 -18.57 -4.58 -20.14
C PHE A 581 -17.84 -3.60 -21.04
N PHE A 582 -16.97 -2.80 -20.42
CA PHE A 582 -16.24 -1.71 -21.07
C PHE A 582 -15.05 -1.40 -20.19
N PHE A 583 -13.90 -1.93 -20.55
CA PHE A 583 -12.63 -1.50 -19.95
C PHE A 583 -12.13 -0.22 -20.65
N TYR A 584 -12.65 0.92 -20.19
CA TYR A 584 -12.51 2.22 -20.86
C TYR A 584 -11.17 2.89 -20.58
N GLY A 585 -10.31 2.22 -19.84
CA GLY A 585 -8.93 2.66 -19.67
C GLY A 585 -8.04 2.19 -20.81
N LYS A 586 -8.60 1.37 -21.69
CA LYS A 586 -7.92 0.99 -22.92
C LYS A 586 -8.72 1.53 -24.09
N PRO A 587 -8.01 2.09 -25.11
CA PRO A 587 -8.72 2.76 -26.21
C PRO A 587 -9.63 1.90 -27.07
N ASP A 588 -9.57 0.58 -26.99
CA ASP A 588 -10.59 -0.24 -27.69
C ASP A 588 -11.61 -0.92 -26.78
N GLY A 589 -11.53 -0.64 -25.49
CA GLY A 589 -12.45 -1.18 -24.50
C GLY A 589 -12.09 -2.56 -23.98
N ARG A 590 -10.91 -3.07 -24.36
CA ARG A 590 -10.49 -4.44 -24.02
C ARG A 590 -9.42 -4.41 -22.98
N ALA A 591 -9.52 -5.28 -21.98
CA ALA A 591 -8.39 -5.52 -21.05
C ALA A 591 -7.32 -6.36 -21.75
N VAL A 592 -6.15 -6.46 -21.11
CA VAL A 592 -4.98 -7.03 -21.75
C VAL A 592 -4.37 -8.14 -20.87
N ILE A 593 -4.11 -9.27 -21.53
CA ILE A 593 -3.42 -10.41 -20.98
C ILE A 593 -1.99 -10.20 -21.45
N TRP A 594 -1.05 -10.21 -20.52
CA TRP A 594 0.37 -9.96 -20.81
C TRP A 594 1.15 -11.23 -20.63
N MET A 595 1.97 -11.56 -21.62
CA MET A 595 2.74 -12.79 -21.65
C MET A 595 4.11 -12.54 -21.04
N ARG A 596 4.12 -12.20 -19.75
CA ARG A 596 5.32 -11.85 -18.99
C ARG A 596 6.23 -13.03 -18.70
N PRO A 597 7.48 -12.98 -19.16
CA PRO A 597 8.36 -14.12 -18.87
C PRO A 597 8.61 -14.24 -17.39
N ALA A 598 8.69 -15.46 -16.87
CA ALA A 598 8.91 -15.68 -15.44
C ALA A 598 10.40 -15.78 -15.14
N LYS A 599 10.85 -15.00 -14.14
CA LYS A 599 12.26 -14.93 -13.76
C LYS A 599 12.38 -15.28 -12.27
N GLY A 600 13.13 -14.48 -11.50
CA GLY A 600 13.15 -14.63 -10.05
C GLY A 600 13.58 -13.38 -9.32
N ALA A 601 14.08 -13.56 -8.08
CA ALA A 601 14.57 -12.47 -7.23
C ALA A 601 15.74 -11.74 -7.86
N ALA A 602 15.93 -10.47 -7.51
CA ALA A 602 17.16 -9.76 -7.90
C ALA A 602 18.38 -10.42 -7.28
N GLU A 603 18.24 -10.85 -6.02
CA GLU A 603 19.30 -11.56 -5.30
C GLU A 603 18.78 -12.94 -4.89
N GLU A 604 19.02 -13.93 -5.74
CA GLU A 604 18.71 -15.32 -5.47
C GLU A 604 19.82 -15.91 -4.60
N PRO A 605 19.50 -16.96 -3.80
CA PRO A 605 20.51 -17.71 -3.04
C PRO A 605 21.53 -18.41 -3.91
N ASP A 606 22.70 -18.64 -3.33
CA ASP A 606 23.76 -19.41 -3.94
C ASP A 606 24.56 -20.15 -2.86
N ALA A 607 25.60 -20.87 -3.25
CA ALA A 607 26.42 -21.63 -2.29
C ALA A 607 26.76 -20.82 -1.04
N GLU A 608 27.22 -19.58 -1.25
CA GLU A 608 27.67 -18.68 -0.17
C GLU A 608 26.54 -18.25 0.81
N TYR A 609 25.35 -17.95 0.27
CA TYR A 609 24.14 -17.67 1.05
C TYR A 609 22.99 -18.57 0.57
N PRO A 610 22.84 -19.78 1.15
CA PRO A 610 21.90 -20.81 0.67
C PRO A 610 20.42 -20.64 1.05
N LEU A 611 20.06 -19.50 1.62
CA LEU A 611 18.70 -19.30 2.08
C LEU A 611 18.07 -18.08 1.46
N TYR A 612 16.79 -18.21 1.17
CA TYR A 612 15.92 -17.06 1.00
C TYR A 612 15.64 -16.41 2.34
N LEU A 613 15.59 -15.08 2.36
CA LEU A 613 15.18 -14.34 3.54
C LEU A 613 13.98 -13.51 3.16
N THR A 614 12.92 -13.65 3.95
CA THR A 614 11.71 -12.83 3.78
C THR A 614 11.38 -12.03 5.05
N SER A 615 10.38 -11.16 4.96
CA SER A 615 10.07 -10.24 6.04
C SER A 615 8.58 -10.07 5.94
N MET A 616 7.93 -9.91 7.08
CA MET A 616 6.51 -10.21 7.17
C MET A 616 5.82 -9.38 8.27
N ARG A 617 4.48 -9.35 8.23
CA ARG A 617 3.63 -8.83 9.30
C ARG A 617 3.39 -9.87 10.39
N VAL A 618 3.04 -9.34 11.56
CA VAL A 618 2.70 -10.09 12.74
C VAL A 618 1.46 -9.36 13.24
N ILE A 619 0.48 -10.08 13.80
CA ILE A 619 -0.85 -9.51 14.00
C ILE A 619 -0.96 -8.40 15.05
N ASP A 620 -0.15 -8.48 16.10
CA ASP A 620 -0.29 -7.58 17.24
C ASP A 620 0.35 -6.23 16.98
N HIS A 621 1.26 -6.16 16.00
CA HIS A 621 2.06 -4.95 15.75
C HIS A 621 1.79 -4.26 14.43
N TRP A 622 1.65 -2.94 14.51
CA TRP A 622 1.58 -2.09 13.35
C TRP A 622 2.95 -1.57 13.01
N HIS A 623 3.40 -1.90 11.80
CA HIS A 623 4.71 -1.49 11.28
C HIS A 623 5.77 -1.32 12.36
N THR A 624 6.21 -0.09 12.58
CA THR A 624 7.33 0.25 13.48
C THR A 624 7.00 0.33 14.99
N ALA A 625 5.73 0.12 15.35
CA ALA A 625 5.30 -0.10 16.76
C ALA A 625 5.30 1.13 17.65
N THR A 626 5.29 2.31 17.05
CA THR A 626 5.23 3.59 17.77
C THR A 626 3.82 3.83 18.31
N MET A 627 2.86 3.08 17.79
CA MET A 627 1.47 3.22 18.24
C MET A 627 1.06 1.96 19.02
N THR A 628 1.11 0.79 18.37
CA THR A 628 0.78 -0.47 19.02
C THR A 628 1.67 -0.79 20.23
N GLY A 629 2.88 -0.22 20.23
CA GLY A 629 3.82 -0.33 21.33
C GLY A 629 3.34 0.35 22.60
N LYS A 630 2.37 1.25 22.47
CA LYS A 630 1.77 1.93 23.63
C LYS A 630 0.68 1.10 24.28
N VAL A 631 0.34 -0.04 23.67
CA VAL A 631 -0.69 -0.92 24.21
C VAL A 631 -0.11 -2.19 24.85
N PRO A 632 -0.14 -2.29 26.19
CA PRO A 632 0.42 -3.46 26.86
C PRO A 632 -0.05 -4.81 26.32
N GLU A 633 -1.35 -4.99 26.12
CA GLU A 633 -1.87 -6.26 25.62
C GLU A 633 -1.35 -6.70 24.25
N LEU A 634 -0.91 -5.73 23.44
CA LEU A 634 -0.39 -6.04 22.11
C LEU A 634 1.06 -6.51 22.18
N GLN A 635 1.68 -6.42 23.36
CA GLN A 635 3.08 -6.85 23.63
C GLN A 635 3.20 -8.26 24.20
N LYS A 636 2.06 -8.93 24.37
CA LYS A 636 2.01 -10.17 25.15
C LYS A 636 2.48 -11.42 24.41
N ALA A 637 2.17 -11.53 23.11
CA ALA A 637 2.55 -12.72 22.33
C ALA A 637 3.98 -12.59 21.75
N ASN A 638 4.20 -11.53 20.96
CA ASN A 638 5.52 -11.20 20.38
C ASN A 638 6.13 -9.87 20.87
N PRO A 639 6.87 -9.90 21.98
CA PRO A 639 7.50 -8.70 22.54
C PRO A 639 8.71 -8.16 21.76
N ILE A 640 9.46 -9.05 21.12
CA ILE A 640 10.77 -8.73 20.50
C ILE A 640 10.91 -9.53 19.20
N ALA A 641 11.90 -9.16 18.38
CA ALA A 641 12.05 -9.79 17.06
C ALA A 641 12.59 -11.21 17.15
N PHE A 642 12.24 -12.02 16.16
CA PHE A 642 12.67 -13.42 16.05
C PHE A 642 13.00 -13.74 14.59
N VAL A 643 13.49 -14.94 14.34
CA VAL A 643 13.66 -15.39 12.95
C VAL A 643 13.05 -16.77 12.84
N GLU A 644 12.07 -16.91 11.95
CA GLU A 644 11.49 -18.22 11.70
C GLU A 644 12.45 -19.10 10.92
N ILE A 645 12.59 -20.35 11.36
CA ILE A 645 13.40 -21.34 10.66
C ILE A 645 12.61 -22.63 10.49
N ASN A 646 12.75 -23.25 9.32
CA ASN A 646 12.07 -24.51 9.02
C ASN A 646 12.59 -25.66 9.89
N GLU A 647 11.71 -26.58 10.27
CA GLU A 647 12.08 -27.76 11.06
C GLU A 647 13.12 -28.64 10.36
N GLU A 648 12.80 -29.19 9.18
CA GLU A 648 13.74 -30.07 8.50
CA GLU A 648 13.72 -30.05 8.41
C GLU A 648 15.07 -29.40 8.15
N ASP A 649 15.05 -28.07 8.02
CA ASP A 649 16.27 -27.25 7.82
C ASP A 649 17.09 -27.16 9.11
N ALA A 650 16.41 -26.76 10.19
CA ALA A 650 16.98 -26.71 11.55
C ALA A 650 17.77 -27.98 11.93
N ALA A 651 17.07 -29.11 12.01
CA ALA A 651 17.65 -30.41 12.38
C ALA A 651 18.91 -30.77 11.60
N ARG A 652 18.87 -30.53 10.29
CA ARG A 652 20.00 -30.78 9.38
C ARG A 652 21.27 -29.99 9.76
N THR A 653 21.09 -28.77 10.28
CA THR A 653 22.24 -27.93 10.67
C THR A 653 22.44 -27.74 12.21
N GLY A 654 21.68 -28.48 13.01
CA GLY A 654 21.86 -28.51 14.46
C GLY A 654 21.34 -27.29 15.20
N ILE A 655 20.22 -26.74 14.73
CA ILE A 655 19.54 -25.63 15.38
C ILE A 655 18.28 -26.12 16.11
N LYS A 656 18.25 -25.88 17.41
CA LYS A 656 17.09 -26.20 18.25
C LYS A 656 16.29 -24.90 18.50
N HIS A 657 15.21 -24.98 19.27
CA HIS A 657 14.24 -23.88 19.42
C HIS A 657 14.58 -22.93 20.56
N GLY A 658 14.37 -21.64 20.31
CA GLY A 658 14.69 -20.57 21.26
C GLY A 658 16.17 -20.20 21.24
N ASP A 659 16.95 -21.05 20.58
CA ASP A 659 18.37 -20.82 20.35
C ASP A 659 18.60 -19.51 19.60
N SER A 660 19.73 -18.89 19.90
CA SER A 660 20.09 -17.60 19.34
C SER A 660 20.83 -17.85 18.03
N VAL A 661 20.38 -17.21 16.95
CA VAL A 661 21.12 -17.31 15.68
C VAL A 661 21.51 -15.97 15.06
N ILE A 662 22.63 -16.00 14.33
CA ILE A 662 23.07 -14.88 13.52
C ILE A 662 22.54 -15.10 12.11
N VAL A 663 21.54 -14.30 11.74
CA VAL A 663 21.13 -14.13 10.35
C VAL A 663 22.10 -13.15 9.66
N GLU A 664 22.75 -13.59 8.60
CA GLU A 664 23.67 -12.72 7.86
C GLU A 664 23.30 -12.65 6.39
N THR A 665 23.49 -11.47 5.80
CA THR A 665 23.34 -11.26 4.36
C THR A 665 24.54 -10.43 3.90
N ARG A 666 24.69 -10.22 2.59
CA ARG A 666 25.78 -9.44 2.02
C ARG A 666 25.94 -8.05 2.63
N ARG A 667 24.91 -7.58 3.33
CA ARG A 667 24.92 -6.20 3.83
C ARG A 667 25.05 -6.01 5.34
N ASP A 668 24.71 -7.05 6.12
CA ASP A 668 24.73 -6.94 7.58
C ASP A 668 24.56 -8.30 8.27
N ALA A 669 24.52 -8.26 9.60
CA ALA A 669 24.56 -9.44 10.43
C ALA A 669 23.76 -9.14 11.68
N MET A 670 22.79 -10.00 12.01
CA MET A 670 21.96 -9.74 13.17
C MET A 670 21.65 -10.98 13.98
N GLU A 671 22.00 -10.96 15.27
CA GLU A 671 21.55 -11.98 16.22
C GLU A 671 20.05 -11.90 16.44
N LEU A 672 19.38 -13.05 16.35
CA LEU A 672 17.92 -13.19 16.52
C LEU A 672 17.55 -14.55 17.11
N PRO A 673 16.63 -14.59 18.09
CA PRO A 673 16.26 -15.91 18.64
C PRO A 673 15.42 -16.68 17.63
N ALA A 674 15.76 -17.96 17.44
CA ALA A 674 15.14 -18.78 16.41
C ALA A 674 13.74 -19.28 16.80
N ARG A 675 12.79 -19.14 15.89
CA ARG A 675 11.47 -19.71 16.07
C ARG A 675 11.31 -20.83 15.05
N VAL A 676 11.12 -22.05 15.56
CA VAL A 676 11.25 -23.29 14.78
C VAL A 676 9.85 -23.90 14.56
N SER A 677 9.51 -24.09 13.27
CA SER A 677 8.19 -24.54 12.83
C SER A 677 8.23 -25.04 11.39
N ASP A 678 7.05 -25.39 10.88
CA ASP A 678 6.84 -25.69 9.46
C ASP A 678 6.23 -24.47 8.79
N VAL A 679 6.14 -23.35 9.52
CA VAL A 679 5.66 -22.11 8.96
C VAL A 679 6.48 -21.79 7.70
N CYS A 680 7.81 -21.66 7.86
CA CYS A 680 8.68 -21.46 6.71
C CYS A 680 8.94 -22.78 5.99
N ARG A 681 8.80 -22.79 4.67
CA ARG A 681 9.14 -23.95 3.87
C ARG A 681 10.67 -24.18 3.90
N PRO A 682 11.15 -25.39 3.53
CA PRO A 682 12.60 -25.65 3.49
C PRO A 682 13.33 -24.63 2.59
N GLY A 683 14.45 -24.08 3.10
CA GLY A 683 15.28 -23.14 2.36
C GLY A 683 14.80 -21.70 2.47
N LEU A 684 14.12 -21.39 3.56
CA LEU A 684 13.47 -20.08 3.75
C LEU A 684 13.48 -19.72 5.23
N ILE A 685 13.90 -18.50 5.52
CA ILE A 685 13.75 -17.91 6.84
C ILE A 685 12.99 -16.57 6.78
N ALA A 686 12.43 -16.14 7.91
CA ALA A 686 11.60 -14.93 7.91
C ALA A 686 11.78 -14.12 9.17
N VAL A 687 11.90 -12.80 9.00
CA VAL A 687 12.06 -11.87 10.11
C VAL A 687 10.93 -10.81 10.16
N PRO A 688 10.43 -10.47 11.36
CA PRO A 688 9.44 -9.38 11.39
C PRO A 688 10.15 -8.01 11.48
N PHE A 689 9.46 -6.89 11.22
CA PHE A 689 10.14 -5.58 11.24
C PHE A 689 9.71 -4.54 12.32
N PHE A 690 8.87 -4.97 13.28
CA PHE A 690 8.32 -4.06 14.30
C PHE A 690 9.33 -3.63 15.37
N ASP A 691 10.40 -4.40 15.52
CA ASP A 691 11.34 -4.16 16.60
C ASP A 691 12.39 -3.16 16.15
N PRO A 692 12.49 -2.01 16.87
CA PRO A 692 13.52 -0.99 16.60
C PRO A 692 14.92 -1.39 17.09
N LYS A 693 14.99 -2.42 17.92
CA LYS A 693 16.29 -2.89 18.42
C LYS A 693 16.88 -3.89 17.44
N LYS A 694 16.13 -4.20 16.38
CA LYS A 694 16.48 -5.18 15.37
C LYS A 694 16.06 -4.62 14.03
N LEU A 695 16.82 -3.68 13.49
CA LEU A 695 16.40 -3.05 12.26
C LEU A 695 16.70 -3.96 11.07
N VAL A 696 15.74 -4.83 10.78
CA VAL A 696 15.94 -5.94 9.85
C VAL A 696 16.22 -5.45 8.43
N ASN A 697 15.66 -4.29 8.07
CA ASN A 697 15.96 -3.69 6.76
C ASN A 697 17.44 -3.31 6.56
N LYS A 698 18.30 -3.64 7.52
CA LYS A 698 19.75 -3.48 7.35
C LYS A 698 20.27 -4.67 6.58
N LEU A 699 19.52 -5.77 6.64
CA LEU A 699 19.90 -7.03 5.97
C LEU A 699 19.41 -7.04 4.53
N PHE A 700 18.24 -6.43 4.29
CA PHE A 700 17.59 -6.45 2.99
C PHE A 700 18.25 -5.62 1.87
N LEU A 701 18.24 -6.19 0.67
CA LEU A 701 18.64 -5.48 -0.54
C LEU A 701 17.52 -4.52 -1.01
N ASP A 702 17.82 -3.79 -2.07
CA ASP A 702 17.32 -2.47 -2.34
C ASP A 702 16.71 -2.44 -3.73
N ALA A 703 16.91 -3.55 -4.45
CA ALA A 703 16.52 -3.70 -5.83
C ALA A 703 15.04 -3.42 -6.03
N THR A 704 14.69 -2.87 -7.19
CA THR A 704 13.33 -2.40 -7.40
C THR A 704 12.72 -2.90 -8.72
N ASP A 705 11.39 -3.03 -8.75
CA ASP A 705 10.69 -3.33 -10.00
C ASP A 705 11.02 -2.18 -10.95
N PRO A 706 11.50 -2.50 -12.17
CA PRO A 706 11.94 -1.40 -13.03
C PRO A 706 10.82 -0.44 -13.45
N VAL A 707 9.57 -0.88 -13.31
CA VAL A 707 8.37 -0.11 -13.70
C VAL A 707 7.74 0.63 -12.52
N SER A 708 7.38 -0.10 -11.48
CA SER A 708 6.73 0.49 -10.29
C SER A 708 7.73 1.09 -9.28
N ARG A 709 9.00 0.67 -9.35
CA ARG A 709 10.04 1.13 -8.39
C ARG A 709 9.80 0.75 -6.91
N GLU A 710 9.01 -0.29 -6.70
CA GLU A 710 8.84 -0.95 -5.41
C GLU A 710 10.03 -1.83 -5.06
N PRO A 711 10.51 -1.73 -3.81
CA PRO A 711 11.65 -2.55 -3.43
C PRO A 711 11.27 -4.02 -3.19
N GLU A 712 12.20 -4.93 -3.52
CA GLU A 712 12.02 -6.35 -3.27
C GLU A 712 12.33 -6.69 -1.81
N TYR A 713 11.47 -6.24 -0.89
CA TYR A 713 11.64 -6.59 0.52
C TYR A 713 11.31 -8.08 0.76
N LYS A 714 10.45 -8.62 -0.09
CA LYS A 714 10.04 -10.01 0.12
C LYS A 714 11.14 -11.10 -0.14
N ILE A 715 12.23 -10.76 -0.84
CA ILE A 715 13.29 -11.75 -1.12
C ILE A 715 14.72 -11.21 -1.11
N CYS A 716 15.61 -11.92 -0.42
CA CYS A 716 17.04 -11.76 -0.65
C CYS A 716 17.76 -13.01 -0.17
N ALA A 717 19.06 -13.10 -0.37
CA ALA A 717 19.83 -14.29 0.02
C ALA A 717 20.43 -14.13 1.41
N ALA A 718 20.21 -15.09 2.28
CA ALA A 718 20.75 -15.00 3.62
C ALA A 718 21.43 -16.30 4.02
N ARG A 719 22.10 -16.25 5.17
CA ARG A 719 22.68 -17.44 5.77
C ARG A 719 22.59 -17.39 7.29
N VAL A 720 22.60 -18.57 7.90
CA VAL A 720 22.32 -18.70 9.32
C VAL A 720 23.45 -19.46 9.96
N ARG A 721 23.71 -19.12 11.21
CA ARG A 721 24.85 -19.63 11.93
C ARG A 721 24.47 -19.56 13.41
N LYS A 722 24.77 -20.64 14.11
CA LYS A 722 24.58 -20.76 15.55
C LYS A 722 25.49 -19.71 16.22
N ALA A 723 24.90 -18.77 16.97
CA ALA A 723 25.61 -17.69 17.65
C ALA A 723 26.91 -18.12 18.35
FE1 SF4 B . -8.41 -4.42 12.44
FE2 SF4 B . -10.30 -3.45 10.84
FE3 SF4 B . -8.47 -1.71 12.03
FE4 SF4 B . -7.67 -3.24 10.06
S1 SF4 B . -9.26 -1.60 9.85
S2 SF4 B . -6.58 -3.00 12.06
S3 SF4 B . -8.93 -5.19 10.33
S4 SF4 B . -10.11 -3.00 13.07
MO MO C . 2.02 -1.24 3.05
PB MGD D . 4.86 3.23 10.29
O1B MGD D . 5.22 2.65 11.63
O2B MGD D . 3.40 3.13 9.84
O3B MGD D . 5.78 2.56 9.17
O3A MGD D . 6.51 1.99 6.87
PA MGD D . 6.30 3.27 7.80
O1A MGD D . 7.68 3.79 8.11
O2A MGD D . 5.24 4.10 7.17
O5' MGD D . 5.25 4.80 10.35
C5' MGD D . 4.22 5.83 10.45
C4' MGD D . 4.64 6.96 11.40
O4' MGD D . 3.60 7.94 11.55
C3' MGD D . 4.94 6.49 12.80
O3' MGD D . 6.25 6.93 13.20
C2' MGD D . 3.89 7.12 13.67
O2' MGD D . 4.33 7.40 14.98
C1' MGD D . 3.62 8.41 12.91
N9 MGD D . 2.30 9.03 13.16
C8 MGD D . 1.18 8.48 13.67
N7 MGD D . 0.15 9.39 13.64
C5 MGD D . 0.59 10.55 13.09
C6 MGD D . 0.05 11.90 12.76
O6 MGD D . -1.13 12.31 12.95
N1 MGD D . 0.91 12.74 12.20
C2 MGD D . 2.18 12.42 11.93
N2 MGD D . 2.92 13.36 11.35
N3 MGD D . 2.76 11.26 12.20
C4 MGD D . 2.02 10.28 12.77
C10 MGD D . 5.45 1.28 6.19
C11 MGD D . 6.06 0.58 4.99
O11 MGD D . 7.00 -0.35 5.48
C12 MGD D . 5.02 -0.16 4.19
S12 MGD D . 3.42 0.36 4.11
C13 MGD D . 5.36 -1.30 3.57
S13 MGD D . 4.14 -2.08 2.71
C14 MGD D . 6.76 -1.90 3.66
N15 MGD D . 6.72 -3.19 4.30
C16 MGD D . 7.90 -3.78 4.63
C17 MGD D . 8.10 -5.23 4.64
O17 MGD D . 7.17 -5.96 4.31
N18 MGD D . 9.31 -5.73 4.98
C19 MGD D . 10.34 -4.96 5.32
N19 MGD D . 11.51 -5.57 5.65
N20 MGD D . 10.23 -3.59 5.36
C21 MGD D . 9.06 -2.98 5.02
N22 MGD D . 8.89 -1.64 5.01
C23 MGD D . 7.71 -0.98 4.43
PB MGD E . 3.11 -9.80 4.78
O1B MGD E . 3.45 -10.65 5.99
O2B MGD E . 3.90 -8.54 4.53
O3B MGD E . 1.56 -9.45 4.88
O3A MGD E . 0.13 -7.60 4.41
PA MGD E . 0.59 -8.98 3.70
O1A MGD E . -0.60 -9.92 3.63
O2A MGD E . 1.23 -8.63 2.39
O5' MGD E . 3.32 -10.75 3.48
C5' MGD E . 2.38 -11.74 3.08
C4' MGD E . 3.14 -12.98 2.67
O4' MGD E . 4.02 -12.71 1.59
C3' MGD E . 4.04 -13.57 3.76
O3' MGD E . 3.34 -14.59 4.48
C2' MGD E . 5.20 -14.17 2.98
O2' MGD E . 5.36 -15.57 3.24
C1' MGD E . 4.76 -13.94 1.55
N9 MGD E . 5.79 -14.12 0.51
C8 MGD E . 7.14 -14.11 0.64
N7 MGD E . 7.76 -14.35 -0.55
C5 MGD E . 6.80 -14.57 -1.47
C6 MGD E . 6.75 -14.90 -2.91
O6 MGD E . 7.79 -15.05 -3.58
N1 MGD E . 5.55 -15.05 -3.51
C2 MGD E . 4.40 -14.91 -2.80
N2 MGD E . 3.25 -15.07 -3.50
N3 MGD E . 4.35 -14.63 -1.46
C4 MGD E . 5.50 -14.42 -0.76
C10 MGD E . 0.86 -6.38 4.40
C11 MGD E . -0.17 -5.28 4.61
O11 MGD E . -0.84 -5.51 5.86
C12 MGD E . 0.42 -3.88 4.45
S12 MGD E . 1.19 -3.53 2.98
C13 MGD E . 0.26 -2.91 5.38
S13 MGD E . 0.77 -1.30 5.17
C14 MGD E . -0.50 -3.21 6.65
N15 MGD E . 0.37 -3.38 7.78
C16 MGD E . -0.02 -4.14 8.81
C17 MGD E . 0.81 -4.27 10.00
O17 MGD E . 1.89 -3.65 10.13
N18 MGD E . 0.37 -5.05 10.98
C19 MGD E . -0.79 -5.73 10.95
N19 MGD E . -1.08 -6.49 12.03
N20 MGD E . -1.62 -5.66 9.87
C21 MGD E . -1.29 -4.90 8.78
N22 MGD E . -2.07 -4.79 7.68
C23 MGD E . -1.48 -4.38 6.43
C CYN F . 0.10 0.92 1.40
N CYN F . 0.60 0.13 2.08
N NO2 G . 5.43 -5.84 11.63
O1 NO2 G . 4.02 -6.26 11.86
O2 NO2 G . 6.31 -6.94 11.17
#